data_8ESV
#
_entry.id   8ESV
#
_cell.length_a   1.00
_cell.length_b   1.00
_cell.length_c   1.00
_cell.angle_alpha   90.00
_cell.angle_beta   90.00
_cell.angle_gamma   90.00
#
_symmetry.space_group_name_H-M   'P 1'
#
loop_
_entity.id
_entity.type
_entity.pdbx_description
1 polymer 'Disintegrin and metalloproteinase domain-containing protein 10'
2 polymer Tetraspanin-15
3 polymer '11G2 Fab Heavy Chain'
4 polymer '11G2 Fab Light Chain'
5 branched alpha-D-mannopyranose-(1-3)-alpha-D-mannopyranose-(1-4)-2-acetamido-2-deoxy-beta-D-glucopyranose-(1-4)-2-acetamido-2-deoxy-beta-D-glucopyranose
6 branched alpha-D-mannopyranose-(1-4)-2-acetamido-2-deoxy-beta-D-glucopyranose-(1-4)-2-acetamido-2-deoxy-beta-D-glucopyranose
7 non-polymer 2-acetamido-2-deoxy-beta-D-glucopyranose
8 non-polymer 'CALCIUM ION'
9 non-polymer 'ZINC ION'
10 non-polymer 4-(N-HYDROXYAMINO)-2R-ISOBUTYL-2S-(2-THIENYLTHIOMETHYL)SUCCINYL-L-PHENYLALANINE-N-METHYLAMIDE
11 non-polymer 'CHOLESTEROL HEMISUCCINATE'
#
loop_
_entity_poly.entity_id
_entity_poly.type
_entity_poly.pdbx_seq_one_letter_code
_entity_poly.pdbx_strand_id
1 'polypeptide(L)'
;DYKDDDDKTTSAEKNTCQLYIQTDHLFFKYYGTREAVIAQISSHVKAIDTIYQTTDFSGIRNISFMVKRIRINTTADEKD
PTNPFRFPNIGVEKFLELNSEQNHDDYCLAYVFTDRDFDDGVLGLAWVGAPSGSSGGICEKSKLYSDGKKKSLNTGIITV
QNYGSHVPPKVSHITFAHEVGHNFGSPHDSGTECTPGESKNLGQKENGNYIMYARATSGDKLNNNKFSLCSIRNISQVLE
KKRNNCFVESGQPICGNGMVEQGEECDCGYSDQCKDECCFDANQPEGRKCKLKPGKQCSPSQGPCCTAQCAFKSKSEKCR
DDSDCAREGICNGFTALCPASDPKPNFTDCNRHTQVCINGQCAGSICEKYGLEECTCASSDGKDDKELCHVCCMKKMDPS
TCASTGSVQWSRHFSGRTITLQPGSPCNDFRGYCDVFMRCRLVDADGPLARLKKAIFSPELYENIAEWIVAHWWAVLLMG
IALIMLMAGFIKICSVHTPSSNPKLPPPKPLPGTLKRRRPPQPIQQPQRQRPRESYQMGHMRR
;
A
2 'polypeptide(L)'
;MHHHHHHDDDDKMPRGDSEQVRYCARFSYLWLKFSLIIYSTVFWLIGALVLSVGIYAEVERQKYKTLESAFLAPAIILIL
LGVVMFMVSFIGVLASLRDNLYLLQAFMYILGICLIMELIGGVVALTFRNQTIDFLNDNIRRGIENYYDDLDFKNIMDFV
QKKFKCCGGEDYRDWSKNQYHDCSAPGPLACGVPYTCCIRNTTEVVNTMCGYKTIDKERFSVQDVIYVRGCTNAVIIWFM
DNYTIMAGILLGILLPQFLGVLLTLLYITRVEDIIMEHSVTDGLLGPGAKPSVEAAGTGCCLCYPN
;
B
3 'polypeptide(L)'
;QVQLKESGPGLVAPSQSLSITCTVSGFSLTGYGVNWVRQPPGKGLEWLGVIWGDGTTDYQSTLKSRLSISKDNSKSQVFL
KMNSLQTVDTARYYCARDGDYGRLDYWGQGTTLTVSSAKTTPPSVYPLAPGSAAQTNSMVTLGCLVKGYFPEPVTVTWNS
GSLSSGVHTFPAVLQSDLYTLSSSVTVPSSTWPSETVTCNVAHPASSTKVDKKIVPRDCLEVLFQ
;
H
4 'polypeptide(L)'
;QIVLTQSPAIMSASLGERVTMTCTVSSSVSSGYLHWYQQKSGSSPKLWIYSTSNLASGVPARFSGSGSGTSYSLTISSMG
AEDAATYYCHQYRRSPLTFGAGTKLEIKRADAAPTVSIFPPSSEQLTSGGASVVCFLNNFYPKDINVKWKIDGSERQNGV
LNSWTDQDSKDSTYSMSSTLTLTKDEYERHNSYTCEATHKTSTSPIVKSFNRNECLEVLFQ
;
L
#
loop_
_chem_comp.id
_chem_comp.type
_chem_comp.name
_chem_comp.formula
BAT non-polymer 4-(N-HYDROXYAMINO)-2R-ISOBUTYL-2S-(2-THIENYLTHIOMETHYL)SUCCINYL-L-PHENYLALANINE-N-METHYLAMIDE 'C23 H31 N3 O4 S2'
CA non-polymer 'CALCIUM ION' 'Ca 2'
MAN D-saccharide, alpha linking alpha-D-mannopyranose 'C6 H12 O6'
NAG D-saccharide, beta linking 2-acetamido-2-deoxy-beta-D-glucopyranose 'C8 H15 N O6'
Y01 non-polymer 'CHOLESTEROL HEMISUCCINATE' 'C31 H50 O4'
ZN non-polymer 'ZINC ION' 'Zn 2'
#
# COMPACT_ATOMS: atom_id res chain seq x y z
N GLU A 13 -24.83 0.56 0.87
CA GLU A 13 -24.97 -0.13 2.14
C GLU A 13 -25.02 -1.64 1.94
N LYS A 14 -24.11 -2.15 1.12
CA LYS A 14 -24.12 -3.56 0.74
C LYS A 14 -22.91 -4.32 1.28
N ASN A 15 -21.69 -3.85 0.99
CA ASN A 15 -20.52 -4.69 1.21
C ASN A 15 -19.23 -3.98 1.63
N THR A 16 -19.24 -2.67 1.84
CA THR A 16 -17.99 -1.95 2.07
C THR A 16 -18.02 -1.28 3.45
N CYS A 17 -16.89 -1.36 4.15
CA CYS A 17 -16.72 -0.74 5.45
C CYS A 17 -15.71 0.40 5.34
N GLN A 18 -16.12 1.59 5.76
CA GLN A 18 -15.25 2.76 5.71
C GLN A 18 -14.45 2.86 7.00
N LEU A 19 -13.13 2.97 6.86
CA LEU A 19 -12.21 2.93 7.97
C LEU A 19 -11.66 4.33 8.24
N TYR A 20 -11.56 4.68 9.52
CA TYR A 20 -10.87 5.89 9.96
C TYR A 20 -9.60 5.43 10.66
N ILE A 21 -8.50 5.42 9.92
CA ILE A 21 -7.23 4.92 10.43
C ILE A 21 -6.34 6.10 10.76
N GLN A 22 -5.86 6.15 12.00
CA GLN A 22 -4.96 7.19 12.46
C GLN A 22 -3.64 6.57 12.87
N THR A 23 -2.56 7.31 12.65
CA THR A 23 -1.22 6.88 13.02
C THR A 23 -0.63 7.89 13.99
N ASP A 24 -0.08 7.38 15.10
CA ASP A 24 0.51 8.24 16.12
C ASP A 24 1.89 8.73 15.66
N HIS A 25 2.58 9.46 16.53
CA HIS A 25 3.86 10.06 16.14
C HIS A 25 4.98 9.03 16.04
N LEU A 26 4.92 7.95 16.82
CA LEU A 26 5.95 6.92 16.73
C LEU A 26 5.89 6.17 15.41
N PHE A 27 4.67 5.96 14.88
CA PHE A 27 4.52 5.35 13.57
C PHE A 27 5.24 6.16 12.50
N PHE A 28 5.01 7.48 12.49
CA PHE A 28 5.72 8.36 11.57
C PHE A 28 7.21 8.37 11.84
N LYS A 29 7.61 8.34 13.11
CA LYS A 29 9.02 8.37 13.45
C LYS A 29 9.75 7.15 12.87
N TYR A 30 9.14 5.97 12.99
CA TYR A 30 9.75 4.79 12.41
C TYR A 30 9.72 4.86 10.88
N TYR A 31 8.57 5.19 10.30
CA TYR A 31 8.47 5.18 8.85
C TYR A 31 9.02 6.46 8.21
N GLY A 32 9.30 7.49 8.99
CA GLY A 32 10.02 8.65 8.47
C GLY A 32 9.28 9.63 7.60
N THR A 33 8.55 9.15 6.61
CA THR A 33 7.88 10.00 5.64
C THR A 33 6.38 9.72 5.63
N ARG A 34 5.61 10.73 5.22
CA ARG A 34 4.18 10.53 5.01
C ARG A 34 3.92 9.50 3.92
N GLU A 35 4.78 9.46 2.89
CA GLU A 35 4.62 8.47 1.83
C GLU A 35 4.77 7.06 2.37
N ALA A 36 5.77 6.82 3.23
CA ALA A 36 5.96 5.50 3.81
C ALA A 36 4.78 5.11 4.70
N VAL A 37 4.30 6.05 5.51
CA VAL A 37 3.17 5.76 6.40
C VAL A 37 1.93 5.42 5.58
N ILE A 38 1.65 6.22 4.55
CA ILE A 38 0.45 5.96 3.74
C ILE A 38 0.61 4.66 2.95
N ALA A 39 1.81 4.33 2.50
CA ALA A 39 2.02 3.07 1.80
C ALA A 39 1.79 1.89 2.72
N GLN A 40 2.32 1.94 3.94
CA GLN A 40 2.09 0.87 4.91
C GLN A 40 0.60 0.76 5.25
N ILE A 41 -0.08 1.91 5.36
CA ILE A 41 -1.48 1.88 5.76
C ILE A 41 -2.34 1.29 4.65
N SER A 42 -2.05 1.68 3.40
CA SER A 42 -2.74 1.10 2.26
C SER A 42 -2.43 -0.39 2.14
N SER A 43 -1.20 -0.80 2.46
CA SER A 43 -0.87 -2.22 2.44
C SER A 43 -1.69 -2.98 3.47
N HIS A 44 -1.84 -2.42 4.67
CA HIS A 44 -2.65 -3.07 5.70
C HIS A 44 -4.11 -3.17 5.24
N VAL A 45 -4.64 -2.10 4.67
CA VAL A 45 -6.02 -2.10 4.20
C VAL A 45 -6.20 -3.14 3.10
N LYS A 46 -5.26 -3.20 2.16
CA LYS A 46 -5.35 -4.18 1.08
C LYS A 46 -5.27 -5.60 1.60
N ALA A 47 -4.38 -5.85 2.56
CA ALA A 47 -4.27 -7.19 3.12
C ALA A 47 -5.55 -7.60 3.84
N ILE A 48 -6.12 -6.69 4.63
CA ILE A 48 -7.34 -7.03 5.35
C ILE A 48 -8.50 -7.19 4.39
N ASP A 49 -8.54 -6.41 3.31
CA ASP A 49 -9.57 -6.59 2.30
C ASP A 49 -9.44 -7.92 1.60
N THR A 50 -8.20 -8.33 1.28
CA THR A 50 -7.99 -9.64 0.66
C THR A 50 -8.40 -10.75 1.60
N ILE A 51 -8.13 -10.59 2.91
CA ILE A 51 -8.52 -11.60 3.88
C ILE A 51 -10.04 -11.71 3.96
N TYR A 52 -10.73 -10.58 4.03
CA TYR A 52 -12.17 -10.59 4.27
C TYR A 52 -12.97 -10.95 3.02
N GLN A 53 -12.52 -10.52 1.83
CA GLN A 53 -13.29 -10.78 0.62
C GLN A 53 -13.39 -12.27 0.32
N THR A 54 -12.29 -13.00 0.48
CA THR A 54 -12.32 -14.42 0.17
C THR A 54 -13.15 -15.22 1.18
N THR A 55 -13.14 -14.80 2.44
CA THR A 55 -13.88 -15.51 3.48
C THR A 55 -15.37 -15.27 3.29
N ASP A 56 -16.09 -16.32 2.90
CA ASP A 56 -17.54 -16.25 2.74
C ASP A 56 -18.19 -16.25 4.11
N PHE A 57 -18.57 -15.06 4.59
CA PHE A 57 -19.14 -14.94 5.93
C PHE A 57 -20.60 -15.34 5.92
N SER A 58 -20.89 -16.55 5.43
CA SER A 58 -22.24 -17.10 5.37
C SER A 58 -23.20 -16.17 4.64
N GLY A 59 -23.58 -15.06 5.30
CA GLY A 59 -24.56 -14.17 4.71
C GLY A 59 -24.07 -13.47 3.46
N ILE A 60 -22.83 -12.99 3.48
CA ILE A 60 -22.28 -12.17 2.40
C ILE A 60 -21.03 -12.82 1.86
N ARG A 61 -20.88 -12.82 0.54
CA ARG A 61 -19.74 -13.40 -0.15
C ARG A 61 -18.62 -12.42 -0.42
N ASN A 62 -18.78 -11.15 -0.03
CA ASN A 62 -17.75 -10.14 -0.30
C ASN A 62 -17.95 -8.99 0.68
N ILE A 63 -16.94 -8.72 1.51
CA ILE A 63 -16.96 -7.62 2.46
C ILE A 63 -15.66 -6.87 2.28
N SER A 64 -15.70 -5.78 1.52
CA SER A 64 -14.51 -5.01 1.21
C SER A 64 -14.30 -3.90 2.24
N PHE A 65 -13.14 -3.26 2.15
CA PHE A 65 -12.78 -2.15 3.01
C PHE A 65 -12.33 -0.97 2.15
N MET A 66 -12.60 0.24 2.63
CA MET A 66 -12.23 1.45 1.90
C MET A 66 -11.96 2.55 2.91
N VAL A 67 -10.68 2.87 3.12
CA VAL A 67 -10.31 3.91 4.08
C VAL A 67 -10.79 5.26 3.56
N LYS A 68 -11.44 6.02 4.43
CA LYS A 68 -12.03 7.30 4.06
C LYS A 68 -11.16 8.49 4.45
N ARG A 69 -10.50 8.44 5.61
CA ARG A 69 -9.53 9.46 5.99
C ARG A 69 -8.29 8.78 6.53
N ILE A 70 -7.16 8.97 5.85
CA ILE A 70 -5.87 8.52 6.35
C ILE A 70 -5.26 9.69 7.10
N ARG A 71 -5.43 9.71 8.42
CA ARG A 71 -4.99 10.82 9.25
C ARG A 71 -3.68 10.42 9.92
N ILE A 72 -2.62 11.18 9.64
CA ILE A 72 -1.26 10.83 10.06
C ILE A 72 -0.72 11.94 10.93
N ASN A 73 -0.21 11.58 12.10
CA ASN A 73 0.28 12.55 13.07
C ASN A 73 1.80 12.65 12.97
N THR A 74 2.29 13.85 12.71
CA THR A 74 3.70 14.13 12.50
C THR A 74 4.43 14.19 13.85
N THR A 75 5.74 13.95 13.82
CA THR A 75 6.53 13.97 15.05
C THR A 75 6.42 15.31 15.77
N ALA A 76 6.27 16.42 15.03
CA ALA A 76 6.12 17.72 15.65
C ALA A 76 4.88 17.83 16.53
N ASP A 77 3.90 16.95 16.31
CA ASP A 77 2.68 16.91 17.11
C ASP A 77 2.97 16.50 18.56
N GLU A 78 4.08 15.80 18.80
CA GLU A 78 4.40 15.33 20.15
C GLU A 78 4.42 16.47 21.17
N LYS A 79 4.77 17.69 20.74
CA LYS A 79 4.81 18.84 21.64
C LYS A 79 3.44 19.42 21.94
N ASP A 80 2.39 18.98 21.24
CA ASP A 80 1.05 19.54 21.44
C ASP A 80 0.53 19.14 22.82
N PRO A 81 0.15 20.09 23.67
CA PRO A 81 -0.28 19.71 25.03
C PRO A 81 -1.65 19.05 25.07
N THR A 82 -2.55 19.38 24.16
CA THR A 82 -3.89 18.81 24.18
C THR A 82 -3.97 17.46 23.48
N ASN A 83 -2.90 17.01 22.83
CA ASN A 83 -2.90 15.69 22.21
C ASN A 83 -2.48 14.66 23.25
N PRO A 84 -3.36 13.75 23.66
CA PRO A 84 -3.02 12.78 24.71
C PRO A 84 -2.21 11.58 24.23
N PHE A 85 -2.01 11.44 22.92
CA PHE A 85 -1.29 10.31 22.37
C PHE A 85 0.21 10.53 22.35
N ARG A 86 0.69 11.68 22.83
CA ARG A 86 2.12 11.95 22.87
C ARG A 86 2.82 11.31 24.06
N PHE A 87 2.08 10.78 25.02
CA PHE A 87 2.70 10.21 26.21
C PHE A 87 3.48 8.95 25.82
N PRO A 88 4.79 8.90 26.06
CA PRO A 88 5.56 7.71 25.66
C PRO A 88 5.10 6.43 26.33
N ASN A 89 4.65 6.50 27.58
CA ASN A 89 4.19 5.33 28.32
C ASN A 89 2.69 5.45 28.55
N ILE A 90 1.94 4.45 28.08
CA ILE A 90 0.48 4.48 28.16
C ILE A 90 -0.05 3.06 28.06
N GLY A 91 -1.03 2.74 28.90
CA GLY A 91 -1.61 1.40 28.89
C GLY A 91 -2.42 1.13 27.63
N VAL A 92 -2.53 -0.16 27.32
CA VAL A 92 -3.32 -0.58 26.15
C VAL A 92 -4.79 -0.27 26.36
N GLU A 93 -5.31 -0.54 27.56
CA GLU A 93 -6.69 -0.17 27.87
C GLU A 93 -6.89 1.33 27.70
N LYS A 94 -5.97 2.13 28.25
CA LYS A 94 -6.10 3.57 28.16
C LYS A 94 -6.00 4.02 26.71
N PHE A 95 -5.10 3.41 25.94
CA PHE A 95 -4.96 3.73 24.52
C PHE A 95 -6.27 3.49 23.77
N LEU A 96 -6.88 2.32 23.97
CA LEU A 96 -8.14 2.01 23.31
C LEU A 96 -9.24 2.96 23.76
N GLU A 97 -9.25 3.32 25.05
CA GLU A 97 -10.25 4.25 25.55
C GLU A 97 -10.11 5.61 24.89
N LEU A 98 -8.88 6.11 24.74
CA LEU A 98 -8.70 7.41 24.12
C LEU A 98 -9.01 7.36 22.64
N ASN A 99 -8.78 6.22 21.99
CA ASN A 99 -9.26 6.05 20.63
C ASN A 99 -10.78 6.12 20.59
N SER A 100 -11.44 5.54 21.59
CA SER A 100 -12.90 5.56 21.65
C SER A 100 -13.45 6.89 22.16
N GLU A 101 -12.63 7.72 22.82
CA GLU A 101 -13.12 8.99 23.33
C GLU A 101 -13.44 9.96 22.21
N GLN A 102 -12.78 9.82 21.06
CA GLN A 102 -13.07 10.69 19.94
C GLN A 102 -14.41 10.32 19.29
N ASN A 103 -14.99 11.28 18.59
CA ASN A 103 -16.28 11.08 17.94
C ASN A 103 -16.06 10.40 16.60
N HIS A 104 -16.69 9.23 16.41
CA HIS A 104 -16.49 8.41 15.23
C HIS A 104 -17.83 7.88 14.72
N ASP A 105 -18.84 8.74 14.69
CA ASP A 105 -20.15 8.30 14.21
C ASP A 105 -20.16 8.06 12.70
N ASP A 106 -19.33 8.80 11.96
CA ASP A 106 -19.36 8.75 10.51
C ASP A 106 -18.46 7.67 9.93
N TYR A 107 -18.18 6.62 10.68
CA TYR A 107 -17.21 5.62 10.23
C TYR A 107 -17.65 4.23 10.66
N CYS A 108 -17.48 3.27 9.75
CA CYS A 108 -17.75 1.88 10.10
C CYS A 108 -16.82 1.39 11.20
N LEU A 109 -15.53 1.69 11.06
CA LEU A 109 -14.53 1.40 12.08
C LEU A 109 -13.52 2.53 12.11
N ALA A 110 -12.88 2.70 13.27
CA ALA A 110 -11.89 3.75 13.46
C ALA A 110 -10.72 3.17 14.23
N TYR A 111 -9.54 3.18 13.62
CA TYR A 111 -8.38 2.50 14.18
C TYR A 111 -7.22 3.47 14.37
N VAL A 112 -6.39 3.15 15.37
CA VAL A 112 -5.18 3.91 15.67
C VAL A 112 -3.99 2.98 15.48
N PHE A 113 -3.06 3.38 14.61
CA PHE A 113 -1.86 2.62 14.35
C PHE A 113 -0.71 3.25 15.13
N THR A 114 -0.06 2.47 15.98
CA THR A 114 1.01 2.96 16.83
C THR A 114 2.22 2.06 16.71
N ASP A 115 3.36 2.57 17.17
CA ASP A 115 4.62 1.84 17.20
C ASP A 115 5.20 1.83 18.61
N ARG A 116 4.34 1.63 19.61
CA ARG A 116 4.75 1.60 21.00
C ARG A 116 4.56 0.21 21.58
N ASP A 117 5.46 -0.18 22.48
CA ASP A 117 5.34 -1.46 23.15
C ASP A 117 4.27 -1.40 24.23
N PHE A 118 3.50 -2.47 24.34
CA PHE A 118 2.41 -2.55 25.30
C PHE A 118 2.70 -3.62 26.34
N ASP A 119 1.99 -3.54 27.47
CA ASP A 119 2.21 -4.46 28.57
C ASP A 119 1.90 -5.89 28.14
N ASP A 120 2.71 -6.83 28.60
CA ASP A 120 2.64 -8.25 28.27
C ASP A 120 2.84 -8.51 26.79
N GLY A 121 3.26 -7.51 26.02
CA GLY A 121 3.53 -7.71 24.62
C GLY A 121 2.30 -7.90 23.75
N VAL A 122 1.16 -7.32 24.15
CA VAL A 122 -0.03 -7.42 23.33
C VAL A 122 0.17 -6.63 22.04
N LEU A 123 -0.39 -7.14 20.94
CA LEU A 123 -0.22 -6.53 19.64
C LEU A 123 -1.33 -5.55 19.29
N GLY A 124 -2.21 -5.24 20.23
CA GLY A 124 -3.28 -4.31 19.99
C GLY A 124 -4.48 -4.68 20.83
N LEU A 125 -5.61 -4.07 20.48
CA LEU A 125 -6.87 -4.33 21.17
C LEU A 125 -8.01 -3.70 20.38
N ALA A 126 -9.12 -4.42 20.28
CA ALA A 126 -10.32 -3.90 19.64
C ALA A 126 -11.52 -4.10 20.56
N TRP A 127 -12.72 -3.82 20.05
CA TRP A 127 -13.95 -3.97 20.83
C TRP A 127 -14.79 -5.09 20.23
N VAL A 128 -15.20 -6.04 21.08
CA VAL A 128 -15.90 -7.22 20.60
C VAL A 128 -17.30 -6.84 20.11
N GLY A 129 -17.63 -7.27 18.89
CA GLY A 129 -18.96 -7.06 18.37
C GLY A 129 -19.97 -8.06 18.92
N ALA A 130 -21.23 -7.81 18.63
CA ALA A 130 -22.31 -8.67 19.09
C ALA A 130 -23.49 -8.54 18.14
N PRO A 131 -24.25 -9.60 17.92
CA PRO A 131 -25.43 -9.51 17.05
C PRO A 131 -26.52 -8.63 17.64
N SER A 132 -26.89 -8.90 18.88
CA SER A 132 -27.89 -8.11 19.59
C SER A 132 -27.39 -7.80 20.99
N GLY A 133 -27.59 -6.56 21.42
CA GLY A 133 -27.10 -6.13 22.72
C GLY A 133 -25.59 -6.00 22.74
N SER A 134 -25.06 -5.69 23.92
CA SER A 134 -23.62 -5.56 24.15
C SER A 134 -23.01 -4.58 23.15
N SER A 135 -23.42 -3.32 23.30
CA SER A 135 -23.02 -2.28 22.37
C SER A 135 -21.51 -2.21 22.24
N GLY A 136 -21.03 -2.13 20.99
CA GLY A 136 -19.62 -2.12 20.70
C GLY A 136 -19.28 -2.97 19.49
N GLY A 137 -18.54 -2.41 18.55
CA GLY A 137 -18.17 -3.14 17.34
C GLY A 137 -18.39 -2.33 16.07
N ILE A 138 -18.62 -3.01 14.96
CA ILE A 138 -18.83 -2.31 13.69
C ILE A 138 -20.18 -1.60 13.72
N CYS A 139 -20.29 -0.53 12.92
CA CYS A 139 -21.52 0.22 12.77
C CYS A 139 -22.06 0.71 14.11
N GLU A 140 -21.16 1.24 14.93
CA GLU A 140 -21.50 1.64 16.29
C GLU A 140 -21.50 3.16 16.40
N LYS A 141 -22.59 3.69 16.92
CA LYS A 141 -22.75 5.13 17.10
C LYS A 141 -22.30 5.54 18.51
N SER A 142 -22.06 6.84 18.67
CA SER A 142 -21.69 7.36 19.97
C SER A 142 -22.88 7.32 20.93
N LYS A 143 -22.62 6.88 22.16
CA LYS A 143 -23.65 6.83 23.18
C LYS A 143 -23.01 7.01 24.54
N LEU A 144 -23.84 7.35 25.53
CA LEU A 144 -23.32 7.80 26.82
C LEU A 144 -22.51 6.70 27.52
N TYR A 145 -22.96 5.46 27.43
CA TYR A 145 -22.29 4.32 28.09
C TYR A 145 -22.30 4.60 29.59
N SER A 146 -21.22 4.28 30.29
CA SER A 146 -21.00 4.67 31.67
C SER A 146 -19.78 5.58 31.73
N ASP A 147 -19.31 5.88 32.94
CA ASP A 147 -18.16 6.72 33.23
C ASP A 147 -18.39 8.18 32.85
N GLY A 148 -19.58 8.54 32.36
CA GLY A 148 -19.92 9.92 32.10
C GLY A 148 -19.43 10.49 30.79
N LYS A 149 -18.80 9.69 29.94
CA LYS A 149 -18.29 10.17 28.66
C LYS A 149 -18.86 9.32 27.53
N LYS A 150 -19.20 9.99 26.42
CA LYS A 150 -19.71 9.30 25.25
C LYS A 150 -18.55 8.70 24.47
N LYS A 151 -18.50 7.38 24.40
CA LYS A 151 -17.41 6.66 23.74
C LYS A 151 -17.95 5.96 22.50
N SER A 152 -17.32 6.21 21.36
CA SER A 152 -17.64 5.51 20.12
C SER A 152 -16.84 4.22 20.10
N LEU A 153 -17.51 3.10 20.37
CA LEU A 153 -16.84 1.82 20.51
C LEU A 153 -16.68 1.08 19.19
N ASN A 154 -16.70 1.81 18.07
CA ASN A 154 -16.26 1.25 16.79
C ASN A 154 -14.77 1.50 16.60
N THR A 155 -13.99 1.13 17.60
CA THR A 155 -12.58 1.53 17.69
C THR A 155 -11.71 0.33 17.99
N GLY A 156 -10.46 0.41 17.51
CA GLY A 156 -9.48 -0.61 17.80
C GLY A 156 -8.09 -0.03 17.66
N ILE A 157 -7.15 -0.58 18.43
CA ILE A 157 -5.76 -0.16 18.36
C ILE A 157 -4.91 -1.30 17.82
N ILE A 158 -3.74 -0.94 17.33
CA ILE A 158 -2.78 -1.91 16.81
C ILE A 158 -1.39 -1.31 16.95
N THR A 159 -0.43 -2.14 17.37
CA THR A 159 0.97 -1.73 17.44
C THR A 159 1.78 -2.58 16.49
N VAL A 160 2.79 -1.98 15.88
CA VAL A 160 3.68 -2.67 14.96
C VAL A 160 4.99 -3.05 15.64
N GLN A 161 5.01 -3.13 16.97
CA GLN A 161 6.17 -3.63 17.68
C GLN A 161 5.72 -4.26 19.00
N ASN A 162 6.34 -5.39 19.33
CA ASN A 162 6.16 -6.04 20.62
C ASN A 162 7.52 -6.43 21.17
N TYR A 163 7.71 -6.19 22.47
CA TYR A 163 8.97 -6.46 23.15
C TYR A 163 10.13 -5.72 22.48
N GLY A 164 9.87 -4.50 22.03
CA GLY A 164 10.91 -3.64 21.50
C GLY A 164 11.42 -3.99 20.13
N SER A 165 10.75 -4.88 19.41
CA SER A 165 11.14 -5.25 18.05
C SER A 165 9.97 -4.97 17.11
N HIS A 166 10.26 -4.31 15.99
CA HIS A 166 9.21 -3.96 15.04
C HIS A 166 8.58 -5.21 14.45
N VAL A 167 7.25 -5.23 14.39
CA VAL A 167 6.52 -6.38 13.89
C VAL A 167 6.55 -6.37 12.36
N PRO A 168 6.92 -7.47 11.72
CA PRO A 168 6.92 -7.54 10.26
C PRO A 168 5.52 -7.27 9.71
N PRO A 169 5.39 -6.89 8.44
CA PRO A 169 4.07 -6.49 7.96
C PRO A 169 3.08 -7.63 7.76
N LYS A 170 3.54 -8.87 7.56
CA LYS A 170 2.61 -10.00 7.51
C LYS A 170 1.90 -10.16 8.86
N VAL A 171 2.67 -10.18 9.95
CA VAL A 171 2.07 -10.27 11.27
C VAL A 171 1.27 -9.02 11.58
N SER A 172 1.71 -7.86 11.11
CA SER A 172 1.01 -6.61 11.39
C SER A 172 -0.37 -6.60 10.75
N HIS A 173 -0.48 -6.99 9.48
CA HIS A 173 -1.78 -7.01 8.85
C HIS A 173 -2.50 -8.34 9.04
N ILE A 174 -1.93 -9.24 9.84
CA ILE A 174 -2.71 -10.33 10.42
C ILE A 174 -3.35 -9.91 11.73
N THR A 175 -2.64 -9.16 12.57
CA THR A 175 -3.27 -8.67 13.80
C THR A 175 -4.26 -7.56 13.52
N PHE A 176 -4.08 -6.80 12.43
CA PHE A 176 -5.14 -5.90 12.00
C PHE A 176 -6.41 -6.66 11.65
N ALA A 177 -6.27 -7.79 10.96
CA ALA A 177 -7.42 -8.63 10.67
C ALA A 177 -8.03 -9.18 11.95
N HIS A 178 -7.18 -9.54 12.92
CA HIS A 178 -7.66 -9.97 14.22
C HIS A 178 -8.54 -8.92 14.89
N GLU A 179 -8.06 -7.67 14.91
CA GLU A 179 -8.79 -6.62 15.61
C GLU A 179 -10.08 -6.30 14.89
N VAL A 180 -10.06 -6.25 13.56
CA VAL A 180 -11.30 -5.98 12.84
C VAL A 180 -12.28 -7.15 12.99
N GLY A 181 -11.77 -8.38 13.10
CA GLY A 181 -12.64 -9.51 13.36
C GLY A 181 -13.30 -9.43 14.72
N HIS A 182 -12.55 -8.99 15.73
CA HIS A 182 -13.18 -8.71 17.02
C HIS A 182 -14.22 -7.61 16.89
N ASN A 183 -13.93 -6.56 16.12
CA ASN A 183 -14.94 -5.57 15.80
C ASN A 183 -16.09 -6.17 15.01
N PHE A 184 -15.82 -7.24 14.27
CA PHE A 184 -16.83 -7.90 13.45
C PHE A 184 -17.63 -8.94 14.22
N GLY A 185 -17.39 -9.08 15.52
CA GLY A 185 -18.16 -10.02 16.32
C GLY A 185 -17.58 -11.42 16.42
N SER A 186 -16.31 -11.61 16.09
CA SER A 186 -15.69 -12.92 16.13
C SER A 186 -14.80 -13.02 17.36
N PRO A 187 -15.16 -13.82 18.36
CA PRO A 187 -14.28 -13.98 19.53
C PRO A 187 -13.03 -14.78 19.20
N HIS A 188 -12.15 -14.95 20.18
CA HIS A 188 -10.95 -15.75 19.97
C HIS A 188 -11.33 -17.22 19.74
N ASP A 189 -10.59 -17.87 18.85
CA ASP A 189 -10.90 -19.24 18.48
C ASP A 189 -10.76 -20.19 19.66
N SER A 190 -11.63 -21.20 19.69
CA SER A 190 -11.60 -22.22 20.72
C SER A 190 -12.11 -23.52 20.11
N GLY A 191 -11.61 -24.64 20.63
CA GLY A 191 -12.00 -25.94 20.14
C GLY A 191 -11.02 -26.51 19.14
N THR A 192 -10.96 -27.84 19.03
CA THR A 192 -10.04 -28.47 18.11
C THR A 192 -10.37 -28.19 16.65
N GLU A 193 -11.65 -27.94 16.34
CA GLU A 193 -12.04 -27.73 14.96
C GLU A 193 -11.60 -26.36 14.45
N CYS A 194 -11.49 -25.37 15.33
CA CYS A 194 -11.18 -24.01 14.93
C CYS A 194 -9.82 -23.54 15.39
N THR A 195 -9.08 -24.35 16.15
CA THR A 195 -7.69 -24.05 16.54
C THR A 195 -6.83 -25.25 16.18
N PRO A 196 -6.40 -25.35 14.91
CA PRO A 196 -5.64 -26.53 14.49
C PRO A 196 -4.17 -26.51 14.89
N GLY A 197 -3.66 -25.38 15.39
CA GLY A 197 -2.26 -25.32 15.78
C GLY A 197 -1.94 -26.25 16.94
N GLU A 198 -2.82 -26.31 17.92
CA GLU A 198 -2.61 -27.18 19.08
C GLU A 198 -3.05 -28.62 18.83
N SER A 199 -3.72 -28.89 17.71
CA SER A 199 -4.17 -30.24 17.42
C SER A 199 -2.97 -31.17 17.24
N LYS A 200 -3.06 -32.36 17.82
CA LYS A 200 -1.97 -33.33 17.73
C LYS A 200 -1.89 -34.00 16.37
N ASN A 201 -2.91 -33.84 15.52
CA ASN A 201 -2.83 -34.34 14.16
C ASN A 201 -1.83 -33.51 13.38
N LEU A 202 -0.79 -34.16 12.84
CA LEU A 202 0.27 -33.42 12.18
C LEU A 202 -0.21 -32.73 10.90
N GLY A 203 -1.12 -33.38 10.16
CA GLY A 203 -1.61 -32.77 8.94
C GLY A 203 -2.33 -31.46 9.19
N GLN A 204 -3.15 -31.40 10.24
CA GLN A 204 -3.85 -30.17 10.58
C GLN A 204 -2.94 -29.16 11.27
N LYS A 205 -1.98 -29.64 12.07
CA LYS A 205 -1.11 -28.72 12.79
C LYS A 205 -0.23 -27.91 11.83
N GLU A 206 0.27 -28.55 10.78
CA GLU A 206 1.07 -27.83 9.80
C GLU A 206 0.29 -26.71 9.12
N ASN A 207 -1.04 -26.80 9.10
CA ASN A 207 -1.84 -25.72 8.52
C ASN A 207 -1.75 -24.46 9.37
N GLY A 208 -1.70 -24.62 10.70
CA GLY A 208 -1.56 -23.50 11.60
C GLY A 208 -2.88 -23.00 12.12
N ASN A 209 -2.80 -22.15 13.16
CA ASN A 209 -3.99 -21.56 13.73
C ASN A 209 -4.50 -20.43 12.84
N TYR A 210 -5.76 -20.04 13.08
CA TYR A 210 -6.40 -19.01 12.29
C TYR A 210 -6.08 -17.63 12.84
N ILE A 211 -6.67 -16.60 12.22
CA ILE A 211 -6.40 -15.23 12.62
C ILE A 211 -6.89 -14.96 14.03
N MET A 212 -8.10 -15.45 14.35
CA MET A 212 -8.75 -15.13 15.61
C MET A 212 -8.21 -15.98 16.76
N TYR A 213 -6.90 -15.88 16.97
CA TYR A 213 -6.20 -16.60 18.01
C TYR A 213 -5.73 -15.64 19.09
N ALA A 214 -5.84 -16.07 20.35
CA ALA A 214 -5.43 -15.21 21.47
C ALA A 214 -3.94 -14.86 21.39
N ARG A 215 -3.13 -15.76 20.85
CA ARG A 215 -1.70 -15.53 20.68
C ARG A 215 -1.41 -15.26 19.21
N ALA A 216 -0.50 -14.33 18.96
CA ALA A 216 -0.22 -13.89 17.59
C ALA A 216 0.48 -15.01 16.82
N THR A 217 -0.10 -15.39 15.69
CA THR A 217 0.50 -16.40 14.85
C THR A 217 1.73 -15.83 14.13
N SER A 218 2.63 -16.73 13.74
CA SER A 218 3.85 -16.30 13.07
C SER A 218 3.60 -15.73 11.68
N GLY A 219 2.45 -16.04 11.08
CA GLY A 219 2.15 -15.57 9.74
C GLY A 219 2.78 -16.39 8.63
N ASP A 220 3.39 -17.52 8.96
CA ASP A 220 4.07 -18.35 7.98
C ASP A 220 3.35 -19.68 7.73
N LYS A 221 2.16 -19.86 8.28
CA LYS A 221 1.39 -21.07 8.09
C LYS A 221 0.17 -20.80 7.22
N LEU A 222 -0.44 -21.90 6.75
CA LEU A 222 -1.49 -21.78 5.73
C LEU A 222 -2.72 -21.05 6.26
N ASN A 223 -3.15 -21.35 7.48
CA ASN A 223 -4.37 -20.78 8.02
C ASN A 223 -4.16 -19.47 8.75
N ASN A 224 -2.94 -18.93 8.75
CA ASN A 224 -2.68 -17.70 9.50
C ASN A 224 -3.30 -16.48 8.85
N ASN A 225 -3.70 -16.57 7.59
CA ASN A 225 -4.33 -15.47 6.88
C ASN A 225 -5.82 -15.65 6.68
N LYS A 226 -6.40 -16.72 7.22
CA LYS A 226 -7.79 -17.06 6.96
C LYS A 226 -8.60 -17.05 8.24
N PHE A 227 -9.88 -16.71 8.11
CA PHE A 227 -10.81 -16.78 9.23
C PHE A 227 -11.32 -18.19 9.41
N SER A 228 -11.44 -18.60 10.66
CA SER A 228 -11.91 -19.95 10.97
C SER A 228 -13.40 -20.09 10.70
N LEU A 229 -13.87 -21.34 10.74
CA LEU A 229 -15.30 -21.59 10.66
C LEU A 229 -16.03 -20.97 11.86
N CYS A 230 -15.44 -21.09 13.05
CA CYS A 230 -16.00 -20.45 14.23
C CYS A 230 -16.10 -18.94 14.05
N SER A 231 -14.99 -18.33 13.62
CA SER A 231 -14.97 -16.88 13.45
C SER A 231 -15.90 -16.44 12.33
N ILE A 232 -15.94 -17.20 11.24
CA ILE A 232 -16.84 -16.85 10.13
C ILE A 232 -18.29 -16.92 10.57
N ARG A 233 -18.66 -17.97 11.30
CA ARG A 233 -20.03 -18.09 11.78
C ARG A 233 -20.37 -16.98 12.77
N ASN A 234 -19.43 -16.60 13.63
CA ASN A 234 -19.67 -15.48 14.54
C ASN A 234 -19.84 -14.18 13.78
N ILE A 235 -19.00 -13.94 12.77
CA ILE A 235 -19.09 -12.73 11.98
C ILE A 235 -20.39 -12.71 11.17
N SER A 236 -20.93 -13.89 10.85
CA SER A 236 -22.17 -13.95 10.08
C SER A 236 -23.34 -13.31 10.84
N GLN A 237 -23.43 -13.56 12.15
CA GLN A 237 -24.51 -12.98 12.93
C GLN A 237 -24.42 -11.45 12.95
N VAL A 238 -23.22 -10.93 13.17
CA VAL A 238 -23.04 -9.48 13.22
C VAL A 238 -23.31 -8.86 11.84
N LEU A 239 -22.86 -9.52 10.78
CA LEU A 239 -23.06 -9.02 9.42
C LEU A 239 -24.47 -9.27 8.90
N GLU A 240 -25.28 -10.03 9.61
CA GLU A 240 -26.70 -10.13 9.29
C GLU A 240 -27.55 -9.20 10.13
N LYS A 241 -27.06 -8.77 11.30
CA LYS A 241 -27.83 -7.89 12.15
C LYS A 241 -27.44 -6.41 12.04
N LYS A 242 -26.23 -6.09 11.61
CA LYS A 242 -25.76 -4.70 11.62
C LYS A 242 -25.07 -4.27 10.34
N ARG A 243 -25.07 -5.10 9.29
CA ARG A 243 -24.40 -4.72 8.05
C ARG A 243 -25.07 -3.53 7.40
N ASN A 244 -26.39 -3.59 7.23
CA ASN A 244 -27.12 -2.50 6.58
C ASN A 244 -27.41 -1.40 7.58
N ASN A 245 -26.38 -0.91 8.25
CA ASN A 245 -26.48 0.22 9.17
C ASN A 245 -25.45 1.30 8.87
N CYS A 246 -24.18 0.92 8.66
CA CYS A 246 -23.13 1.87 8.38
C CYS A 246 -22.29 1.50 7.16
N PHE A 247 -22.52 0.33 6.57
CA PHE A 247 -21.80 -0.06 5.37
C PHE A 247 -22.23 0.81 4.19
N VAL A 248 -21.42 0.81 3.14
CA VAL A 248 -21.70 1.59 1.95
C VAL A 248 -21.56 0.69 0.72
N GLU A 249 -22.15 1.16 -0.38
CA GLU A 249 -22.05 0.43 -1.65
C GLU A 249 -20.61 0.43 -2.15
N SER A 250 -20.26 -0.63 -2.87
CA SER A 250 -18.92 -0.72 -3.46
C SER A 250 -18.72 0.40 -4.48
N GLY A 251 -17.59 1.09 -4.38
CA GLY A 251 -17.31 2.17 -5.29
C GLY A 251 -18.20 3.38 -5.13
N GLN A 252 -18.79 3.58 -3.94
CA GLN A 252 -19.65 4.72 -3.72
C GLN A 252 -18.83 6.01 -3.77
N PRO A 253 -19.42 7.12 -4.21
CA PRO A 253 -18.69 8.39 -4.20
C PRO A 253 -18.53 8.93 -2.78
N ILE A 254 -17.33 8.78 -2.23
CA ILE A 254 -16.99 9.32 -0.92
C ILE A 254 -15.62 9.97 -1.01
N CYS A 255 -15.59 11.29 -1.15
CA CYS A 255 -14.35 12.00 -1.39
C CYS A 255 -13.67 12.37 -0.07
N GLY A 256 -12.40 12.74 -0.17
CA GLY A 256 -11.56 12.97 0.98
C GLY A 256 -10.63 11.82 1.30
N ASN A 257 -10.70 10.72 0.55
CA ASN A 257 -9.82 9.58 0.75
C ASN A 257 -8.56 9.65 -0.09
N GLY A 258 -8.38 10.72 -0.87
CA GLY A 258 -7.23 10.85 -1.74
C GLY A 258 -7.36 10.14 -3.07
N MET A 259 -8.52 9.59 -3.38
CA MET A 259 -8.75 8.86 -4.63
C MET A 259 -9.74 9.64 -5.47
N VAL A 260 -9.29 10.14 -6.62
CA VAL A 260 -10.16 10.85 -7.55
C VAL A 260 -11.02 9.84 -8.30
N GLU A 261 -12.29 10.20 -8.50
CA GLU A 261 -13.25 9.29 -9.11
C GLU A 261 -14.39 10.12 -9.69
N GLN A 262 -15.47 9.45 -10.08
CA GLN A 262 -16.64 10.14 -10.61
C GLN A 262 -17.33 10.95 -9.52
N GLY A 263 -18.04 11.99 -9.95
CA GLY A 263 -18.69 12.89 -9.03
C GLY A 263 -17.79 13.92 -8.40
N GLU A 264 -16.54 14.03 -8.86
CA GLU A 264 -15.59 14.97 -8.31
C GLU A 264 -14.58 15.32 -9.38
N GLU A 265 -13.90 16.45 -9.18
CA GLU A 265 -12.86 16.90 -10.08
C GLU A 265 -11.45 16.66 -9.54
N CYS A 266 -11.27 16.76 -8.23
CA CYS A 266 -9.98 16.50 -7.61
C CYS A 266 -10.21 16.11 -6.16
N ASP A 267 -9.18 15.51 -5.56
CA ASP A 267 -9.24 15.09 -4.17
C ASP A 267 -8.00 15.58 -3.44
N CYS A 268 -8.19 15.99 -2.19
CA CYS A 268 -7.10 16.50 -1.37
C CYS A 268 -7.03 15.75 -0.05
N GLY A 269 -8.18 15.36 0.47
CA GLY A 269 -8.26 14.80 1.80
C GLY A 269 -9.10 15.67 2.70
N TYR A 270 -8.57 16.03 3.86
CA TYR A 270 -9.23 16.94 4.78
C TYR A 270 -8.36 18.19 4.94
N SER A 271 -8.75 19.05 5.90
CA SER A 271 -8.06 20.33 6.08
C SER A 271 -6.57 20.12 6.34
N ASP A 272 -6.24 19.30 7.33
CA ASP A 272 -4.85 19.00 7.65
C ASP A 272 -4.33 17.74 6.95
N GLN A 273 -4.55 17.66 5.64
CA GLN A 273 -4.08 16.52 4.86
C GLN A 273 -3.17 16.91 3.71
N CYS A 274 -3.55 17.90 2.90
CA CYS A 274 -2.79 18.26 1.71
C CYS A 274 -2.52 19.75 1.69
N LYS A 275 -1.47 20.13 0.97
CA LYS A 275 -1.10 21.53 0.78
C LYS A 275 -1.51 22.07 -0.58
N ASP A 276 -2.37 21.35 -1.30
CA ASP A 276 -2.81 21.81 -2.62
C ASP A 276 -3.59 23.11 -2.48
N GLU A 277 -3.29 24.06 -3.37
CA GLU A 277 -3.87 25.39 -3.32
C GLU A 277 -4.93 25.61 -4.40
N CYS A 278 -5.41 24.54 -5.04
CA CYS A 278 -6.40 24.72 -6.10
C CYS A 278 -7.50 23.67 -6.06
N CYS A 279 -7.69 22.99 -4.92
CA CYS A 279 -8.77 22.03 -4.76
C CYS A 279 -9.36 22.16 -3.37
N PHE A 280 -10.68 22.21 -3.29
CA PHE A 280 -11.35 22.31 -2.00
C PHE A 280 -11.19 21.03 -1.21
N ASP A 281 -10.92 21.17 0.09
CA ASP A 281 -10.77 20.02 0.96
C ASP A 281 -12.14 19.48 1.37
N ALA A 282 -12.17 18.51 2.28
CA ALA A 282 -13.43 17.90 2.68
C ALA A 282 -14.22 18.79 3.64
N ASN A 283 -13.53 19.58 4.47
CA ASN A 283 -14.22 20.46 5.39
C ASN A 283 -14.96 21.59 4.69
N GLN A 284 -14.73 21.79 3.39
CA GLN A 284 -15.44 22.79 2.63
C GLN A 284 -16.91 22.40 2.49
N PRO A 285 -17.78 23.38 2.26
CA PRO A 285 -19.22 23.09 2.24
C PRO A 285 -19.60 22.12 1.12
N GLU A 286 -20.81 21.59 1.23
CA GLU A 286 -21.31 20.62 0.26
C GLU A 286 -21.41 21.27 -1.11
N GLY A 287 -20.98 20.54 -2.13
CA GLY A 287 -20.99 21.05 -3.48
C GLY A 287 -19.64 21.59 -3.91
N ARG A 288 -18.98 22.30 -2.99
CA ARG A 288 -17.63 22.78 -3.25
C ARG A 288 -16.57 21.76 -2.87
N LYS A 289 -16.85 20.91 -1.89
CA LYS A 289 -15.85 19.98 -1.39
C LYS A 289 -15.37 19.05 -2.49
N CYS A 290 -14.07 18.78 -2.49
CA CYS A 290 -13.45 17.86 -3.46
C CYS A 290 -13.76 18.29 -4.89
N LYS A 291 -13.66 19.60 -5.14
CA LYS A 291 -13.86 20.17 -6.47
C LYS A 291 -12.80 21.23 -6.71
N LEU A 292 -12.54 21.50 -7.98
CA LEU A 292 -11.55 22.50 -8.36
C LEU A 292 -12.02 23.90 -7.95
N LYS A 293 -11.10 24.69 -7.44
CA LYS A 293 -11.43 26.04 -7.03
C LYS A 293 -11.82 26.88 -8.25
N PRO A 294 -12.75 27.81 -8.12
CA PRO A 294 -13.16 28.63 -9.26
C PRO A 294 -12.03 29.52 -9.77
N GLY A 295 -11.59 29.27 -11.00
CA GLY A 295 -10.49 30.01 -11.58
C GLY A 295 -9.31 29.11 -11.88
N LYS A 296 -9.01 28.19 -10.97
CA LYS A 296 -7.97 27.18 -11.18
C LYS A 296 -8.55 26.10 -12.07
N GLN A 297 -8.16 26.09 -13.34
CA GLN A 297 -8.82 25.26 -14.33
C GLN A 297 -8.34 23.82 -14.34
N CYS A 298 -7.29 23.47 -13.60
CA CYS A 298 -6.85 22.09 -13.53
C CYS A 298 -6.12 21.85 -12.22
N SER A 299 -5.92 20.57 -11.90
CA SER A 299 -5.25 20.16 -10.68
C SER A 299 -4.17 19.14 -11.00
N PRO A 300 -3.05 19.15 -10.25
CA PRO A 300 -2.00 18.15 -10.52
C PRO A 300 -2.43 16.73 -10.18
N SER A 301 -3.36 16.56 -9.23
CA SER A 301 -3.87 15.23 -8.94
C SER A 301 -4.74 14.70 -10.07
N GLN A 302 -5.38 15.60 -10.81
CA GLN A 302 -6.22 15.17 -11.94
C GLN A 302 -5.37 14.54 -13.04
N GLY A 303 -4.31 15.22 -13.46
CA GLY A 303 -3.47 14.75 -14.54
C GLY A 303 -2.01 15.02 -14.30
N PRO A 304 -1.14 14.21 -14.93
CA PRO A 304 0.30 14.35 -14.69
C PRO A 304 0.95 15.52 -15.41
N CYS A 305 0.23 16.25 -16.25
CA CYS A 305 0.82 17.37 -16.97
C CYS A 305 0.12 18.68 -16.62
N CYS A 306 -0.11 18.90 -15.32
CA CYS A 306 -0.68 20.14 -14.82
C CYS A 306 0.39 20.90 -14.04
N THR A 307 0.39 22.22 -14.20
CA THR A 307 1.38 23.05 -13.53
C THR A 307 1.19 23.02 -12.02
N ALA A 308 2.29 23.22 -11.28
CA ALA A 308 2.21 23.32 -9.83
C ALA A 308 1.35 24.49 -9.40
N GLN A 309 1.28 25.54 -10.22
CA GLN A 309 0.36 26.65 -9.99
C GLN A 309 -1.04 26.37 -10.51
N CYS A 310 -1.33 25.10 -10.85
CA CYS A 310 -2.67 24.64 -11.19
C CYS A 310 -3.24 25.38 -12.41
N ALA A 311 -2.57 25.19 -13.54
CA ALA A 311 -3.06 25.65 -14.83
C ALA A 311 -2.59 24.67 -15.89
N PHE A 312 -3.33 24.61 -17.00
CA PHE A 312 -2.98 23.69 -18.08
C PHE A 312 -1.60 24.04 -18.63
N LYS A 313 -0.76 23.02 -18.80
CA LYS A 313 0.57 23.22 -19.35
C LYS A 313 0.48 23.52 -20.85
N SER A 314 1.53 24.17 -21.35
CA SER A 314 1.59 24.50 -22.76
C SER A 314 1.93 23.25 -23.58
N LYS A 315 2.05 23.44 -24.90
CA LYS A 315 2.35 22.33 -25.79
C LYS A 315 3.81 21.88 -25.70
N SER A 316 4.69 22.71 -25.15
CA SER A 316 6.11 22.36 -25.07
C SER A 316 6.33 21.15 -24.16
N GLU A 317 5.62 21.09 -23.03
CA GLU A 317 5.85 20.03 -22.06
C GLU A 317 5.35 18.69 -22.60
N LYS A 318 6.07 17.62 -22.21
CA LYS A 318 5.71 16.26 -22.58
C LYS A 318 5.61 15.43 -21.31
N CYS A 319 4.48 14.75 -21.13
CA CYS A 319 4.24 14.02 -19.89
C CYS A 319 5.24 12.89 -19.70
N ARG A 320 5.21 11.90 -20.59
CA ARG A 320 5.95 10.67 -20.42
C ARG A 320 7.34 10.76 -21.05
N ASP A 321 8.21 9.84 -20.63
CA ASP A 321 9.56 9.76 -21.14
C ASP A 321 9.59 8.81 -22.35
N ASP A 322 10.79 8.42 -22.77
CA ASP A 322 10.92 7.50 -23.89
C ASP A 322 10.26 6.16 -23.57
N SER A 323 9.53 5.62 -24.53
CA SER A 323 8.81 4.38 -24.38
C SER A 323 9.22 3.39 -25.46
N ASP A 324 8.88 2.12 -25.25
CA ASP A 324 9.19 1.09 -26.24
C ASP A 324 8.38 1.24 -27.52
N CYS A 325 7.32 2.05 -27.51
CA CYS A 325 6.51 2.23 -28.70
C CYS A 325 6.13 3.68 -28.98
N ALA A 326 6.51 4.63 -28.13
CA ALA A 326 6.18 6.03 -28.32
C ALA A 326 7.36 6.88 -27.88
N ARG A 327 7.42 8.11 -28.41
CA ARG A 327 8.58 8.96 -28.14
C ARG A 327 8.47 9.65 -26.78
N GLU A 328 7.53 10.58 -26.64
CA GLU A 328 7.30 11.19 -25.33
C GLU A 328 5.85 11.37 -24.94
N GLY A 329 4.93 11.59 -25.89
CA GLY A 329 3.56 11.91 -25.53
C GLY A 329 3.41 13.39 -25.22
N ILE A 330 2.48 14.07 -25.90
CA ILE A 330 2.27 15.51 -25.72
C ILE A 330 0.81 15.74 -25.36
N CYS A 331 0.57 16.48 -24.29
CA CYS A 331 -0.79 16.74 -23.81
C CYS A 331 -1.28 18.15 -24.11
N ASN A 332 -0.39 19.15 -24.09
CA ASN A 332 -0.69 20.58 -24.24
C ASN A 332 -1.81 20.99 -23.30
N GLY A 333 -2.29 22.23 -23.43
CA GLY A 333 -3.41 22.61 -22.59
C GLY A 333 -4.76 22.46 -23.26
N PHE A 334 -5.37 21.27 -23.11
CA PHE A 334 -6.81 21.11 -23.27
C PHE A 334 -7.43 20.18 -22.24
N THR A 335 -6.68 19.25 -21.66
CA THR A 335 -7.15 18.34 -20.62
C THR A 335 -6.00 18.07 -19.67
N ALA A 336 -6.34 17.79 -18.41
CA ALA A 336 -5.31 17.40 -17.46
C ALA A 336 -4.69 16.06 -17.82
N LEU A 337 -5.51 15.11 -18.25
CA LEU A 337 -5.03 13.79 -18.62
C LEU A 337 -4.15 13.87 -19.86
N CYS A 338 -3.01 13.19 -19.82
CA CYS A 338 -2.19 13.05 -21.02
C CYS A 338 -2.85 12.07 -21.98
N PRO A 339 -3.01 12.42 -23.26
CA PRO A 339 -3.74 11.54 -24.17
C PRO A 339 -3.00 10.26 -24.49
N ALA A 340 -3.58 9.45 -25.37
CA ALA A 340 -2.94 8.20 -25.77
C ALA A 340 -1.60 8.48 -26.44
N SER A 341 -0.62 7.63 -26.19
CA SER A 341 0.71 7.81 -26.74
C SER A 341 0.68 7.73 -28.26
N ASP A 342 1.54 8.52 -28.89
CA ASP A 342 1.67 8.47 -30.35
C ASP A 342 2.58 7.30 -30.72
N PRO A 343 2.02 6.23 -31.27
CA PRO A 343 2.82 5.02 -31.49
C PRO A 343 3.88 5.22 -32.56
N LYS A 344 5.00 4.53 -32.38
CA LYS A 344 6.02 4.49 -33.40
C LYS A 344 5.55 3.63 -34.57
N PRO A 345 6.12 3.80 -35.76
CA PRO A 345 5.66 3.05 -36.94
C PRO A 345 5.63 1.55 -36.74
N ASN A 346 4.93 0.85 -37.63
CA ASN A 346 4.89 -0.61 -37.58
C ASN A 346 6.30 -1.19 -37.64
N PHE A 347 6.46 -2.37 -37.04
CA PHE A 347 7.72 -3.10 -37.07
C PHE A 347 8.87 -2.29 -36.47
N THR A 348 8.58 -1.55 -35.41
CA THR A 348 9.59 -0.79 -34.69
C THR A 348 10.06 -1.59 -33.49
N ASP A 349 11.38 -1.71 -33.33
CA ASP A 349 11.96 -2.64 -32.37
C ASP A 349 11.65 -2.22 -30.93
N CYS A 350 11.95 -3.13 -30.01
CA CYS A 350 11.88 -2.88 -28.57
C CYS A 350 13.11 -3.54 -27.96
N ASN A 351 13.07 -3.77 -26.65
CA ASN A 351 14.22 -4.26 -25.88
C ASN A 351 15.07 -5.24 -26.67
N ARG A 352 16.37 -4.94 -26.74
CA ARG A 352 17.32 -5.64 -27.61
C ARG A 352 16.78 -5.59 -29.04
N HIS A 353 16.65 -6.70 -29.74
CA HIS A 353 15.97 -6.74 -31.02
C HIS A 353 15.15 -8.02 -31.12
N THR A 354 14.45 -8.37 -30.04
CA THR A 354 13.72 -9.63 -29.98
C THR A 354 12.30 -9.51 -30.52
N GLN A 355 11.65 -8.37 -30.32
CA GLN A 355 10.30 -8.15 -30.81
C GLN A 355 10.20 -6.75 -31.42
N VAL A 356 9.08 -6.51 -32.11
CA VAL A 356 8.78 -5.19 -32.69
C VAL A 356 7.36 -4.79 -32.33
N CYS A 357 7.12 -3.48 -32.34
CA CYS A 357 5.84 -2.93 -31.97
C CYS A 357 4.88 -2.92 -33.15
N ILE A 358 3.59 -3.10 -32.85
CA ILE A 358 2.55 -3.06 -33.87
C ILE A 358 1.51 -2.00 -33.50
N ASN A 359 0.83 -2.19 -32.37
CA ASN A 359 -0.30 -1.36 -31.98
C ASN A 359 -0.06 -0.72 -30.62
N GLY A 360 1.14 -0.18 -30.42
CA GLY A 360 1.50 0.46 -29.17
C GLY A 360 2.15 -0.45 -28.15
N GLN A 361 2.14 -1.76 -28.38
CA GLN A 361 2.89 -2.71 -27.57
C GLN A 361 3.61 -3.66 -28.51
N CYS A 362 4.78 -4.11 -28.10
CA CYS A 362 5.64 -4.91 -28.96
C CYS A 362 5.51 -6.39 -28.60
N ALA A 363 5.18 -7.20 -29.61
CA ALA A 363 4.97 -8.63 -29.46
C ALA A 363 4.95 -9.24 -30.85
N GLY A 364 4.99 -10.56 -30.90
CA GLY A 364 5.05 -11.26 -32.17
C GLY A 364 6.43 -11.40 -32.76
N SER A 365 7.48 -11.33 -31.93
CA SER A 365 8.87 -11.55 -32.32
C SER A 365 9.40 -10.45 -33.23
N ILE A 366 10.64 -10.62 -33.68
CA ILE A 366 11.33 -9.60 -34.45
C ILE A 366 11.25 -9.87 -35.95
N CYS A 367 11.30 -11.14 -36.36
CA CYS A 367 11.64 -11.48 -37.73
C CYS A 367 10.58 -11.04 -38.72
N GLU A 368 9.37 -10.71 -38.29
CA GLU A 368 8.38 -10.20 -39.22
C GLU A 368 8.51 -8.70 -39.47
N LYS A 369 9.46 -8.03 -38.80
CA LYS A 369 9.70 -6.62 -39.10
C LYS A 369 10.16 -6.44 -40.55
N TYR A 370 11.08 -7.28 -41.00
CA TYR A 370 11.41 -7.38 -42.41
C TYR A 370 10.62 -8.48 -43.11
N GLY A 371 9.88 -9.28 -42.35
CA GLY A 371 8.89 -10.19 -42.87
C GLY A 371 9.32 -11.64 -42.93
N LEU A 372 9.00 -12.39 -41.88
CA LEU A 372 9.11 -13.84 -41.76
C LEU A 372 8.64 -14.22 -40.37
N GLU A 373 8.28 -15.49 -40.20
CA GLU A 373 7.72 -15.96 -38.94
C GLU A 373 8.77 -16.67 -38.10
N GLU A 374 8.61 -16.57 -36.79
CA GLU A 374 9.58 -17.12 -35.85
C GLU A 374 9.55 -18.64 -35.85
N CYS A 375 10.74 -19.25 -35.95
CA CYS A 375 10.88 -20.68 -35.77
C CYS A 375 10.67 -21.06 -34.31
N THR A 376 10.29 -22.32 -34.09
CA THR A 376 10.19 -22.82 -32.72
C THR A 376 11.56 -22.80 -32.05
N CYS A 377 12.46 -23.67 -32.50
CA CYS A 377 13.84 -23.75 -32.01
C CYS A 377 13.96 -23.59 -30.49
N ASP A 385 25.92 -26.31 -30.71
CA ASP A 385 24.59 -26.36 -30.11
C ASP A 385 24.20 -24.99 -29.56
N LYS A 386 25.10 -24.03 -29.67
CA LYS A 386 24.84 -22.67 -29.21
C LYS A 386 23.87 -21.91 -30.11
N GLU A 387 23.54 -22.45 -31.28
CA GLU A 387 22.63 -21.79 -32.22
C GLU A 387 21.18 -21.91 -31.79
N LEU A 388 20.91 -22.37 -30.57
CA LEU A 388 19.56 -22.60 -30.07
C LEU A 388 19.07 -21.47 -29.18
N CYS A 389 19.84 -20.40 -29.05
CA CYS A 389 19.62 -19.42 -27.98
C CYS A 389 19.46 -17.98 -28.44
N HIS A 390 19.70 -17.65 -29.71
CA HIS A 390 19.66 -16.23 -30.10
C HIS A 390 18.28 -15.81 -30.59
N VAL A 391 17.87 -16.32 -31.76
CA VAL A 391 16.50 -16.20 -32.25
C VAL A 391 16.39 -17.08 -33.48
N CYS A 392 15.23 -17.65 -33.72
CA CYS A 392 15.06 -18.60 -34.81
C CYS A 392 13.83 -18.23 -35.62
N CYS A 393 13.98 -18.12 -36.94
CA CYS A 393 12.85 -17.75 -37.80
C CYS A 393 13.16 -18.14 -39.24
N MET A 394 12.16 -18.69 -39.91
CA MET A 394 12.29 -19.17 -41.28
C MET A 394 11.47 -18.32 -42.23
N LYS A 395 11.66 -18.55 -43.53
CA LYS A 395 10.75 -17.98 -44.52
C LYS A 395 9.35 -18.52 -44.31
N LYS A 396 8.36 -17.62 -44.32
CA LYS A 396 7.01 -17.93 -43.86
C LYS A 396 6.43 -19.20 -44.49
N MET A 397 6.89 -19.58 -45.69
CA MET A 397 6.37 -20.76 -46.37
C MET A 397 7.04 -22.02 -45.81
N ASP A 398 6.60 -22.40 -44.60
CA ASP A 398 7.01 -23.61 -43.90
C ASP A 398 8.49 -23.59 -43.53
N PRO A 399 8.92 -24.39 -42.55
CA PRO A 399 10.33 -24.42 -42.19
C PRO A 399 11.24 -24.93 -43.30
N SER A 400 11.22 -24.27 -44.46
CA SER A 400 12.12 -24.65 -45.54
C SER A 400 13.57 -24.38 -45.16
N THR A 401 13.83 -23.25 -44.52
CA THR A 401 15.17 -22.91 -44.01
C THR A 401 14.96 -22.21 -42.66
N CYS A 402 15.00 -23.00 -41.58
CA CYS A 402 14.76 -22.54 -40.22
C CYS A 402 15.97 -21.81 -39.62
N ALA A 403 16.91 -21.38 -40.47
CA ALA A 403 18.14 -20.75 -40.00
C ALA A 403 17.85 -19.51 -39.15
N SER A 404 18.85 -19.12 -38.35
CA SER A 404 18.69 -18.05 -37.37
C SER A 404 18.83 -16.68 -38.04
N THR A 405 18.94 -15.64 -37.23
CA THR A 405 19.04 -14.28 -37.75
C THR A 405 20.36 -14.04 -38.47
N GLY A 406 21.46 -14.48 -37.88
CA GLY A 406 22.79 -14.22 -38.41
C GLY A 406 23.22 -15.12 -39.55
N SER A 407 22.39 -16.07 -39.94
CA SER A 407 22.75 -17.00 -41.00
C SER A 407 22.85 -16.28 -42.34
N VAL A 408 23.67 -16.84 -43.24
CA VAL A 408 23.87 -16.24 -44.55
C VAL A 408 22.61 -16.29 -45.39
N GLN A 409 21.67 -17.19 -45.06
CA GLN A 409 20.41 -17.25 -45.80
C GLN A 409 19.59 -15.98 -45.65
N TRP A 410 19.89 -15.16 -44.65
CA TRP A 410 19.24 -13.86 -44.46
C TRP A 410 20.33 -12.80 -44.59
N SER A 411 20.60 -12.39 -45.82
CA SER A 411 21.67 -11.44 -46.12
C SER A 411 21.16 -10.05 -46.47
N ARG A 412 19.85 -9.82 -46.41
CA ARG A 412 19.28 -8.52 -46.73
C ARG A 412 18.37 -7.96 -45.64
N HIS A 413 17.85 -8.80 -44.75
CA HIS A 413 16.95 -8.34 -43.70
C HIS A 413 17.71 -8.03 -42.41
N PHE A 414 18.39 -9.03 -41.85
CA PHE A 414 19.25 -8.83 -40.70
C PHE A 414 20.70 -8.62 -41.07
N SER A 415 21.01 -8.55 -42.37
CA SER A 415 22.40 -8.47 -42.85
C SER A 415 23.18 -9.66 -42.32
N GLY A 416 23.89 -9.46 -41.21
CA GLY A 416 24.58 -10.55 -40.54
C GLY A 416 24.48 -10.39 -39.04
N ARG A 417 23.70 -9.42 -38.60
CA ARG A 417 23.57 -9.13 -37.18
C ARG A 417 22.79 -10.25 -36.48
N THR A 418 23.34 -10.74 -35.37
CA THR A 418 22.68 -11.75 -34.56
C THR A 418 22.04 -11.08 -33.35
N ILE A 419 20.86 -11.58 -32.98
CA ILE A 419 20.07 -11.03 -31.88
C ILE A 419 20.04 -12.07 -30.78
N THR A 420 20.74 -11.78 -29.67
CA THR A 420 20.75 -12.68 -28.54
C THR A 420 19.46 -12.55 -27.73
N LEU A 421 18.89 -13.69 -27.36
CA LEU A 421 17.68 -13.69 -26.54
C LEU A 421 17.99 -13.09 -25.16
N GLN A 422 16.92 -12.77 -24.45
CA GLN A 422 17.07 -12.29 -23.09
C GLN A 422 17.72 -13.38 -22.22
N PRO A 423 18.56 -13.01 -21.27
CA PRO A 423 19.14 -14.04 -20.39
C PRO A 423 18.08 -14.62 -19.46
N GLY A 424 17.65 -15.84 -19.76
CA GLY A 424 16.57 -16.45 -19.01
C GLY A 424 15.49 -17.05 -19.90
N SER A 425 15.37 -16.53 -21.11
CA SER A 425 14.36 -17.03 -22.03
C SER A 425 14.69 -18.46 -22.44
N PRO A 426 13.76 -19.40 -22.30
CA PRO A 426 14.08 -20.82 -22.51
C PRO A 426 14.39 -21.17 -23.96
N CYS A 427 15.23 -22.19 -24.13
CA CYS A 427 15.39 -22.88 -25.39
C CYS A 427 14.57 -24.17 -25.36
N ASN A 428 14.66 -24.93 -26.45
CA ASN A 428 14.15 -26.30 -26.56
C ASN A 428 12.80 -26.45 -25.85
N ASP A 429 11.82 -25.72 -26.36
CA ASP A 429 10.49 -25.62 -25.75
C ASP A 429 10.61 -24.95 -24.39
N PHE A 430 10.45 -25.71 -23.31
CA PHE A 430 10.50 -25.14 -21.97
C PHE A 430 11.27 -26.07 -21.02
N ARG A 431 12.33 -26.71 -21.52
CA ARG A 431 13.23 -27.50 -20.71
C ARG A 431 14.64 -26.92 -20.73
N GLY A 432 14.72 -25.60 -20.66
CA GLY A 432 16.01 -24.93 -20.67
C GLY A 432 15.84 -23.47 -20.33
N TYR A 433 16.95 -22.74 -20.42
CA TYR A 433 16.97 -21.32 -20.12
C TYR A 433 18.27 -20.71 -20.63
N CYS A 434 18.17 -19.63 -21.41
CA CYS A 434 19.35 -18.99 -21.96
C CYS A 434 20.13 -18.28 -20.86
N ASP A 435 21.46 -18.39 -20.91
CA ASP A 435 22.33 -17.68 -19.99
C ASP A 435 22.85 -16.40 -20.66
N VAL A 436 23.78 -15.74 -19.99
CA VAL A 436 24.34 -14.50 -20.49
C VAL A 436 25.37 -14.76 -21.57
N PHE A 437 25.68 -16.04 -21.81
CA PHE A 437 26.73 -16.43 -22.73
C PHE A 437 26.19 -17.10 -23.99
N MET A 438 24.98 -16.72 -24.40
CA MET A 438 24.34 -17.22 -25.62
C MET A 438 24.17 -18.74 -25.60
N ARG A 439 24.21 -19.34 -24.42
CA ARG A 439 24.02 -20.77 -24.23
C ARG A 439 22.76 -20.98 -23.37
N CYS A 440 22.28 -22.21 -23.31
CA CYS A 440 21.15 -22.51 -22.43
C CYS A 440 21.32 -23.89 -21.81
N ARG A 441 21.23 -23.93 -20.48
CA ARG A 441 21.31 -25.14 -19.67
C ARG A 441 19.91 -25.57 -19.25
N LEU A 442 19.79 -26.86 -18.94
CA LEU A 442 18.50 -27.42 -18.57
C LEU A 442 18.02 -26.87 -17.23
N VAL A 443 16.75 -26.46 -17.19
CA VAL A 443 16.18 -25.94 -15.95
C VAL A 443 16.06 -27.03 -14.91
N ASP A 444 15.74 -28.25 -15.34
CA ASP A 444 15.65 -29.38 -14.42
C ASP A 444 17.00 -29.65 -13.76
N ALA A 445 18.07 -29.60 -14.53
CA ALA A 445 19.45 -29.77 -14.06
C ALA A 445 19.70 -31.15 -13.47
N ASP A 446 20.97 -31.50 -13.28
CA ASP A 446 21.36 -32.79 -12.72
C ASP A 446 22.03 -32.65 -11.37
N GLY A 447 23.06 -31.82 -11.26
CA GLY A 447 23.74 -31.62 -10.00
C GLY A 447 24.71 -32.74 -9.67
N PRO A 448 25.86 -32.40 -9.10
CA PRO A 448 26.85 -33.44 -8.79
C PRO A 448 26.34 -34.50 -7.81
N LEU A 449 25.80 -34.09 -6.67
CA LEU A 449 25.35 -35.06 -5.67
C LEU A 449 24.19 -35.89 -6.19
N ALA A 450 23.24 -35.27 -6.90
CA ALA A 450 22.14 -36.05 -7.46
C ALA A 450 22.61 -36.97 -8.57
N ARG A 451 23.61 -36.55 -9.35
CA ARG A 451 24.22 -37.47 -10.32
C ARG A 451 24.86 -38.66 -9.62
N LEU A 452 25.54 -38.42 -8.50
CA LEU A 452 26.12 -39.52 -7.73
C LEU A 452 25.02 -40.45 -7.21
N LYS A 453 23.92 -39.88 -6.72
CA LYS A 453 22.83 -40.69 -6.21
C LYS A 453 22.21 -41.55 -7.31
N LYS A 454 21.98 -40.96 -8.49
CA LYS A 454 21.43 -41.73 -9.60
C LYS A 454 22.41 -42.76 -10.11
N ALA A 455 23.72 -42.49 -10.01
CA ALA A 455 24.72 -43.45 -10.44
C ALA A 455 24.87 -44.61 -9.47
N ILE A 456 24.42 -44.44 -8.22
CA ILE A 456 24.48 -45.50 -7.22
C ILE A 456 23.14 -46.19 -7.05
N PHE A 457 22.05 -45.43 -7.00
CA PHE A 457 20.73 -46.02 -6.84
C PHE A 457 20.30 -46.82 -8.05
N SER A 458 20.93 -46.60 -9.21
CA SER A 458 20.71 -47.42 -10.37
C SER A 458 21.41 -48.77 -10.20
N PRO A 459 21.02 -49.79 -10.96
CA PRO A 459 21.73 -51.07 -10.89
C PRO A 459 23.15 -50.93 -11.45
N GLU A 460 24.04 -50.33 -10.66
CA GLU A 460 25.38 -50.00 -11.11
C GLU A 460 26.26 -51.23 -11.35
N LEU A 461 25.85 -52.41 -10.88
CA LEU A 461 26.67 -53.60 -11.06
C LEU A 461 26.93 -53.88 -12.54
N TYR A 462 25.90 -53.73 -13.38
CA TYR A 462 26.07 -53.84 -14.82
C TYR A 462 26.24 -52.50 -15.50
N GLU A 463 25.90 -51.39 -14.82
CA GLU A 463 26.04 -50.07 -15.41
C GLU A 463 27.49 -49.62 -15.45
N ASN A 464 28.31 -50.07 -14.49
CA ASN A 464 29.70 -49.68 -14.45
C ASN A 464 30.58 -50.58 -15.31
N ILE A 465 30.47 -51.90 -15.11
CA ILE A 465 31.25 -52.85 -15.89
C ILE A 465 30.76 -52.89 -17.33
N ALA B 25 39.20 -58.11 34.53
CA ALA B 25 40.26 -57.28 33.98
C ALA B 25 40.59 -57.68 32.55
N ARG B 26 40.75 -58.99 32.33
CA ARG B 26 41.06 -59.48 30.99
C ARG B 26 39.93 -59.20 30.02
N PHE B 27 38.68 -59.38 30.46
CA PHE B 27 37.54 -59.13 29.59
C PHE B 27 37.39 -57.66 29.22
N SER B 28 38.02 -56.76 29.99
CA SER B 28 37.91 -55.34 29.68
C SER B 28 38.73 -54.98 28.45
N TYR B 29 39.97 -55.48 28.36
CA TYR B 29 40.87 -55.05 27.30
C TYR B 29 40.35 -55.45 25.92
N LEU B 30 39.94 -56.71 25.76
CA LEU B 30 39.54 -57.19 24.45
C LEU B 30 38.34 -56.42 23.91
N TRP B 31 37.26 -56.36 24.70
CA TRP B 31 36.04 -55.73 24.21
C TRP B 31 36.20 -54.23 24.05
N LEU B 32 36.86 -53.56 25.00
CA LEU B 32 37.04 -52.12 24.88
C LEU B 32 37.95 -51.77 23.71
N LYS B 33 39.04 -52.52 23.53
CA LYS B 33 39.94 -52.30 22.41
C LYS B 33 39.23 -52.49 21.08
N PHE B 34 38.48 -53.60 20.95
CA PHE B 34 37.76 -53.86 19.71
C PHE B 34 36.70 -52.79 19.47
N SER B 35 36.02 -52.36 20.54
CA SER B 35 34.98 -51.35 20.40
C SER B 35 35.55 -50.02 19.92
N LEU B 36 36.65 -49.58 20.55
CA LEU B 36 37.25 -48.32 20.13
C LEU B 36 37.83 -48.40 18.72
N ILE B 37 38.48 -49.53 18.39
CA ILE B 37 39.02 -49.68 17.05
C ILE B 37 37.91 -49.68 16.01
N ILE B 38 36.81 -50.39 16.29
CA ILE B 38 35.70 -50.46 15.34
C ILE B 38 35.02 -49.11 15.19
N TYR B 39 34.79 -48.42 16.31
CA TYR B 39 34.20 -47.08 16.26
C TYR B 39 35.06 -46.13 15.43
N SER B 40 36.36 -46.10 15.73
CA SER B 40 37.25 -45.18 15.03
C SER B 40 37.37 -45.52 13.55
N THR B 41 37.41 -46.82 13.21
CA THR B 41 37.54 -47.21 11.81
C THR B 41 36.25 -46.93 11.04
N VAL B 42 35.10 -47.14 11.67
CA VAL B 42 33.83 -46.84 11.01
C VAL B 42 33.72 -45.34 10.75
N PHE B 43 34.08 -44.52 11.74
CA PHE B 43 34.08 -43.08 11.52
C PHE B 43 35.12 -42.68 10.48
N TRP B 44 36.24 -43.40 10.42
CA TRP B 44 37.25 -43.14 9.39
C TRP B 44 36.68 -43.39 7.99
N LEU B 45 36.00 -44.52 7.81
CA LEU B 45 35.42 -44.83 6.51
C LEU B 45 34.33 -43.83 6.14
N ILE B 46 33.48 -43.47 7.11
CA ILE B 46 32.41 -42.52 6.83
C ILE B 46 32.98 -41.15 6.48
N GLY B 47 33.97 -40.69 7.25
CA GLY B 47 34.59 -39.41 6.95
C GLY B 47 35.30 -39.40 5.61
N ALA B 48 36.00 -40.50 5.28
CA ALA B 48 36.65 -40.58 3.99
C ALA B 48 35.63 -40.53 2.86
N LEU B 49 34.52 -41.25 3.00
CA LEU B 49 33.50 -41.25 1.96
C LEU B 49 32.91 -39.86 1.77
N VAL B 50 32.53 -39.20 2.88
CA VAL B 50 31.90 -37.90 2.75
C VAL B 50 32.90 -36.86 2.27
N LEU B 51 34.17 -36.96 2.67
CA LEU B 51 35.18 -36.02 2.19
C LEU B 51 35.45 -36.21 0.70
N SER B 52 35.48 -37.46 0.25
CA SER B 52 35.64 -37.72 -1.19
C SER B 52 34.46 -37.17 -1.98
N VAL B 53 33.24 -37.37 -1.46
CA VAL B 53 32.06 -36.83 -2.13
C VAL B 53 32.12 -35.32 -2.19
N GLY B 54 32.53 -34.68 -1.08
CA GLY B 54 32.63 -33.24 -1.07
C GLY B 54 33.69 -32.72 -2.02
N ILE B 55 34.83 -33.40 -2.10
CA ILE B 55 35.89 -32.99 -3.00
C ILE B 55 35.45 -33.12 -4.45
N TYR B 56 34.75 -34.22 -4.77
CA TYR B 56 34.21 -34.40 -6.11
C TYR B 56 33.19 -33.33 -6.45
N ALA B 57 32.33 -32.98 -5.49
CA ALA B 57 31.37 -31.91 -5.70
C ALA B 57 32.07 -30.57 -5.90
N GLU B 58 33.14 -30.31 -5.13
CA GLU B 58 33.91 -29.08 -5.32
C GLU B 58 34.50 -29.00 -6.71
N VAL B 59 35.08 -30.11 -7.18
CA VAL B 59 35.69 -30.10 -8.51
C VAL B 59 34.62 -29.85 -9.57
N GLU B 60 33.53 -30.62 -9.52
CA GLU B 60 32.50 -30.51 -10.55
C GLU B 60 31.68 -29.24 -10.45
N ARG B 61 31.78 -28.51 -9.33
CA ARG B 61 31.10 -27.23 -9.20
C ARG B 61 32.00 -26.07 -9.62
N GLN B 62 33.26 -26.07 -9.18
CA GLN B 62 34.22 -25.08 -9.64
C GLN B 62 34.51 -25.23 -11.12
N LYS B 63 34.16 -26.37 -11.72
CA LYS B 63 34.13 -26.46 -13.18
C LYS B 63 33.15 -25.44 -13.76
N TYR B 64 31.99 -25.29 -13.15
CA TYR B 64 30.92 -24.43 -13.66
C TYR B 64 30.83 -23.10 -12.92
N LYS B 65 31.79 -22.80 -12.06
CA LYS B 65 31.75 -21.55 -11.30
C LYS B 65 31.94 -20.35 -12.22
N THR B 66 31.08 -19.35 -12.10
CA THR B 66 31.12 -18.19 -12.99
C THR B 66 31.23 -16.87 -12.25
N LEU B 67 30.51 -16.68 -11.14
CA LEU B 67 30.56 -15.44 -10.39
C LEU B 67 31.15 -15.68 -9.02
N GLU B 68 31.96 -14.74 -8.54
CA GLU B 68 32.67 -14.86 -7.27
C GLU B 68 31.77 -14.35 -6.16
N SER B 69 31.23 -15.27 -5.36
CA SER B 69 30.42 -14.93 -4.21
C SER B 69 30.90 -15.73 -3.00
N ALA B 70 30.83 -15.11 -1.82
CA ALA B 70 31.25 -15.77 -0.57
C ALA B 70 30.16 -16.72 -0.08
N PHE B 71 29.85 -17.71 -0.92
CA PHE B 71 28.77 -18.64 -0.67
C PHE B 71 29.27 -19.85 0.11
N LEU B 72 28.57 -20.18 1.20
CA LEU B 72 28.81 -21.41 1.94
C LEU B 72 28.16 -22.55 1.18
N ALA B 73 28.89 -23.06 0.19
CA ALA B 73 28.35 -24.08 -0.69
C ALA B 73 28.10 -25.38 0.06
N PRO B 74 27.13 -26.17 -0.38
CA PRO B 74 26.98 -27.52 0.18
C PRO B 74 28.21 -28.37 -0.02
N ALA B 75 28.92 -28.20 -1.13
CA ALA B 75 30.17 -28.94 -1.34
C ALA B 75 31.21 -28.54 -0.31
N ILE B 76 31.32 -27.23 -0.02
CA ILE B 76 32.27 -26.77 1.00
C ILE B 76 31.86 -27.30 2.38
N ILE B 77 30.57 -27.32 2.67
CA ILE B 77 30.09 -27.86 3.94
C ILE B 77 30.47 -29.33 4.06
N LEU B 78 30.26 -30.09 2.98
CA LEU B 78 30.63 -31.50 2.98
C LEU B 78 32.13 -31.68 3.17
N ILE B 79 32.93 -30.84 2.51
CA ILE B 79 34.39 -30.94 2.63
C ILE B 79 34.82 -30.69 4.07
N LEU B 80 34.29 -29.63 4.68
CA LEU B 80 34.67 -29.30 6.05
C LEU B 80 34.27 -30.41 7.01
N LEU B 81 33.02 -30.87 6.90
CA LEU B 81 32.55 -31.94 7.79
C LEU B 81 33.38 -33.20 7.60
N GLY B 82 33.66 -33.55 6.34
CA GLY B 82 34.44 -34.75 6.08
C GLY B 82 35.86 -34.66 6.60
N VAL B 83 36.49 -33.50 6.45
CA VAL B 83 37.87 -33.38 6.92
C VAL B 83 37.91 -33.42 8.44
N VAL B 84 36.94 -32.79 9.11
CA VAL B 84 36.90 -32.83 10.57
C VAL B 84 36.72 -34.27 11.04
N MET B 85 35.73 -34.97 10.48
CA MET B 85 35.51 -36.35 10.88
C MET B 85 36.73 -37.22 10.58
N PHE B 86 37.34 -37.03 9.41
CA PHE B 86 38.46 -37.88 9.01
C PHE B 86 39.65 -37.69 9.94
N MET B 87 40.01 -36.44 10.25
CA MET B 87 41.16 -36.22 11.12
C MET B 87 40.89 -36.68 12.54
N VAL B 88 39.72 -36.36 13.09
CA VAL B 88 39.41 -36.77 14.46
C VAL B 88 39.41 -38.29 14.57
N SER B 89 38.77 -38.96 13.62
CA SER B 89 38.70 -40.42 13.64
C SER B 89 40.05 -41.06 13.35
N PHE B 90 40.90 -40.42 12.56
CA PHE B 90 42.23 -40.99 12.32
C PHE B 90 43.08 -40.89 13.57
N ILE B 91 42.96 -39.78 14.31
CA ILE B 91 43.58 -39.71 15.62
C ILE B 91 43.06 -40.83 16.51
N GLY B 92 41.75 -41.06 16.47
CA GLY B 92 41.17 -42.15 17.24
C GLY B 92 41.72 -43.52 16.86
N VAL B 93 41.91 -43.75 15.56
CA VAL B 93 42.45 -45.02 15.10
C VAL B 93 43.89 -45.20 15.55
N LEU B 94 44.72 -44.19 15.31
CA LEU B 94 46.12 -44.26 15.69
C LEU B 94 46.29 -44.32 17.20
N ALA B 95 45.25 -43.96 17.96
CA ALA B 95 45.26 -44.18 19.40
C ALA B 95 44.88 -45.62 19.74
N SER B 96 43.67 -46.02 19.33
CA SER B 96 43.15 -47.33 19.71
C SER B 96 44.07 -48.46 19.27
N LEU B 97 44.43 -48.47 17.99
CA LEU B 97 45.56 -49.29 17.58
C LEU B 97 46.85 -48.56 17.97
N ARG B 98 47.89 -49.34 18.27
CA ARG B 98 49.18 -48.85 18.75
C ARG B 98 49.09 -48.40 20.20
N ASP B 99 47.86 -48.30 20.74
CA ASP B 99 47.59 -48.18 22.17
C ASP B 99 48.53 -47.12 22.78
N ASN B 100 48.29 -45.89 22.37
CA ASN B 100 49.11 -44.76 22.80
C ASN B 100 48.29 -43.88 23.73
N LEU B 101 48.80 -43.66 24.94
CA LEU B 101 48.10 -42.82 25.90
C LEU B 101 47.97 -41.39 25.39
N TYR B 102 49.01 -40.88 24.72
CA TYR B 102 48.99 -39.51 24.25
C TYR B 102 47.90 -39.32 23.20
N LEU B 103 47.85 -40.21 22.20
CA LEU B 103 46.84 -40.09 21.16
C LEU B 103 45.45 -40.42 21.68
N LEU B 104 45.34 -41.34 22.64
CA LEU B 104 44.04 -41.61 23.25
C LEU B 104 43.52 -40.39 23.97
N GLN B 105 44.39 -39.71 24.73
CA GLN B 105 43.97 -38.50 25.43
C GLN B 105 43.61 -37.39 24.44
N ALA B 106 44.39 -37.26 23.37
CA ALA B 106 44.06 -36.26 22.35
C ALA B 106 42.71 -36.56 21.72
N PHE B 107 42.43 -37.83 21.43
CA PHE B 107 41.13 -38.22 20.88
C PHE B 107 40.02 -37.89 21.86
N MET B 108 40.22 -38.20 23.14
CA MET B 108 39.24 -37.88 24.16
C MET B 108 38.91 -36.39 24.19
N TYR B 109 39.95 -35.56 24.30
CA TYR B 109 39.71 -34.14 24.44
C TYR B 109 39.19 -33.52 23.17
N ILE B 110 39.58 -34.05 22.00
CA ILE B 110 39.06 -33.52 20.75
C ILE B 110 37.59 -33.84 20.59
N LEU B 111 37.20 -35.08 20.89
CA LEU B 111 35.78 -35.44 20.82
C LEU B 111 34.97 -34.63 21.82
N GLY B 112 35.48 -34.48 23.05
CA GLY B 112 34.77 -33.67 24.03
C GLY B 112 34.67 -32.22 23.62
N ILE B 113 35.72 -31.69 23.01
CA ILE B 113 35.71 -30.31 22.53
C ILE B 113 34.67 -30.14 21.43
N CYS B 114 34.58 -31.11 20.51
CA CYS B 114 33.56 -31.05 19.48
C CYS B 114 32.16 -31.09 20.10
N LEU B 115 31.95 -31.94 21.10
CA LEU B 115 30.67 -31.99 21.77
C LEU B 115 30.31 -30.67 22.43
N ILE B 116 31.23 -30.10 23.22
CA ILE B 116 30.91 -28.88 23.92
C ILE B 116 30.75 -27.74 22.93
N MET B 117 31.50 -27.77 21.81
CA MET B 117 31.35 -26.74 20.79
C MET B 117 29.98 -26.80 20.13
N GLU B 118 29.51 -28.01 19.82
CA GLU B 118 28.16 -28.14 19.28
C GLU B 118 27.12 -27.68 20.27
N LEU B 119 27.31 -28.00 21.56
CA LEU B 119 26.35 -27.57 22.57
C LEU B 119 26.34 -26.05 22.71
N ILE B 120 27.51 -25.40 22.72
CA ILE B 120 27.50 -23.95 22.88
C ILE B 120 26.98 -23.30 21.62
N GLY B 121 27.19 -23.90 20.46
CA GLY B 121 26.53 -23.42 19.25
C GLY B 121 25.02 -23.48 19.38
N GLY B 122 24.51 -24.59 19.91
CA GLY B 122 23.07 -24.69 20.13
C GLY B 122 22.55 -23.63 21.08
N VAL B 123 23.25 -23.42 22.20
CA VAL B 123 22.77 -22.45 23.18
C VAL B 123 22.90 -21.03 22.65
N VAL B 124 23.96 -20.74 21.89
CA VAL B 124 24.11 -19.40 21.34
C VAL B 124 23.08 -19.15 20.25
N ALA B 125 22.67 -20.19 19.52
CA ALA B 125 21.56 -20.01 18.59
C ALA B 125 20.26 -19.76 19.34
N LEU B 126 19.99 -20.56 20.37
CA LEU B 126 18.77 -20.36 21.16
C LEU B 126 18.75 -18.98 21.80
N THR B 127 19.92 -18.40 22.05
CA THR B 127 19.98 -17.03 22.57
C THR B 127 19.79 -16.00 21.47
N PHE B 128 20.70 -15.96 20.51
CA PHE B 128 20.68 -14.99 19.42
C PHE B 128 19.97 -15.53 18.18
N ARG B 129 18.77 -16.09 18.38
CA ARG B 129 17.95 -16.59 17.28
C ARG B 129 17.76 -15.57 16.17
N ASN B 130 17.55 -14.29 16.52
CA ASN B 130 17.21 -13.31 15.49
C ASN B 130 18.34 -13.17 14.47
N GLN B 131 19.57 -12.93 14.94
CA GLN B 131 20.63 -12.76 13.97
C GLN B 131 21.28 -14.07 13.53
N THR B 132 21.01 -15.22 14.18
CA THR B 132 21.44 -16.43 13.48
C THR B 132 20.49 -16.76 12.33
N ILE B 133 19.21 -16.43 12.47
CA ILE B 133 18.30 -16.51 11.33
C ILE B 133 18.71 -15.52 10.26
N ASP B 134 19.15 -14.33 10.67
CA ASP B 134 19.67 -13.37 9.71
C ASP B 134 20.89 -13.90 8.96
N PHE B 135 21.81 -14.55 9.69
CA PHE B 135 22.99 -15.14 9.05
C PHE B 135 22.60 -16.26 8.10
N LEU B 136 21.66 -17.11 8.52
CA LEU B 136 21.18 -18.19 7.64
C LEU B 136 20.56 -17.61 6.38
N ASN B 137 19.75 -16.57 6.51
CA ASN B 137 19.12 -15.95 5.35
C ASN B 137 20.14 -15.27 4.46
N ASP B 138 21.19 -14.67 5.04
CA ASP B 138 22.25 -14.09 4.22
C ASP B 138 22.97 -15.16 3.42
N ASN B 139 23.27 -16.29 4.05
CA ASN B 139 23.91 -17.38 3.33
C ASN B 139 23.00 -17.93 2.24
N ILE B 140 21.70 -18.06 2.53
CA ILE B 140 20.77 -18.57 1.52
C ILE B 140 20.64 -17.60 0.36
N ARG B 141 20.66 -16.29 0.64
CA ARG B 141 20.60 -15.30 -0.43
C ARG B 141 21.86 -15.33 -1.28
N ARG B 142 23.02 -15.48 -0.64
CA ARG B 142 24.26 -15.64 -1.41
C ARG B 142 24.20 -16.91 -2.25
N GLY B 143 23.58 -17.96 -1.73
CA GLY B 143 23.44 -19.19 -2.51
C GLY B 143 22.53 -19.02 -3.71
N ILE B 144 21.40 -18.33 -3.54
CA ILE B 144 20.51 -18.08 -4.66
C ILE B 144 21.08 -17.05 -5.61
N GLU B 145 22.13 -16.33 -5.20
CA GLU B 145 22.93 -15.58 -6.17
C GLU B 145 23.68 -16.52 -7.10
N ASN B 146 24.20 -17.63 -6.57
CA ASN B 146 24.78 -18.70 -7.37
C ASN B 146 23.80 -19.84 -7.58
N TYR B 147 22.50 -19.53 -7.63
CA TYR B 147 21.49 -20.57 -7.80
C TYR B 147 21.65 -21.31 -9.11
N TYR B 148 21.92 -20.58 -10.19
CA TYR B 148 21.97 -21.19 -11.52
C TYR B 148 23.36 -21.66 -11.90
N ASP B 149 24.37 -21.40 -11.07
CA ASP B 149 25.73 -21.84 -11.34
C ASP B 149 26.22 -22.91 -10.37
N ASP B 150 25.53 -23.13 -9.25
CA ASP B 150 25.88 -24.16 -8.27
C ASP B 150 24.72 -25.15 -8.26
N LEU B 151 24.84 -26.19 -9.11
CA LEU B 151 23.74 -27.11 -9.31
C LEU B 151 23.42 -27.90 -8.04
N ASP B 152 24.40 -28.10 -7.16
CA ASP B 152 24.13 -28.77 -5.90
C ASP B 152 23.17 -27.95 -5.04
N PHE B 153 23.50 -26.67 -4.83
CA PHE B 153 22.60 -25.79 -4.11
C PHE B 153 21.28 -25.62 -4.84
N LYS B 154 21.32 -25.62 -6.18
CA LYS B 154 20.07 -25.53 -6.94
C LYS B 154 19.15 -26.69 -6.61
N ASN B 155 19.67 -27.92 -6.68
CA ASN B 155 18.85 -29.09 -6.41
C ASN B 155 18.34 -29.09 -4.98
N ILE B 156 19.22 -28.77 -4.02
CA ILE B 156 18.80 -28.75 -2.62
C ILE B 156 17.73 -27.69 -2.40
N MET B 157 17.91 -26.51 -2.99
CA MET B 157 16.96 -25.42 -2.81
C MET B 157 15.60 -25.76 -3.41
N ASP B 158 15.57 -26.33 -4.62
CA ASP B 158 14.29 -26.72 -5.20
C ASP B 158 13.63 -27.84 -4.40
N PHE B 159 14.43 -28.79 -3.89
CA PHE B 159 13.85 -29.85 -3.07
C PHE B 159 13.21 -29.29 -1.81
N VAL B 160 13.88 -28.35 -1.14
CA VAL B 160 13.32 -27.72 0.05
C VAL B 160 12.09 -26.90 -0.31
N GLN B 161 12.18 -26.12 -1.39
CA GLN B 161 11.10 -25.25 -1.82
C GLN B 161 9.88 -26.03 -2.28
N LYS B 162 10.07 -27.29 -2.65
CA LYS B 162 8.96 -28.17 -3.01
C LYS B 162 8.37 -28.86 -1.80
N LYS B 163 9.20 -29.61 -1.05
CA LYS B 163 8.69 -30.42 0.04
C LYS B 163 8.19 -29.56 1.20
N PHE B 164 8.90 -28.49 1.53
CA PHE B 164 8.58 -27.66 2.68
C PHE B 164 7.60 -26.55 2.35
N LYS B 165 7.19 -26.41 1.09
CA LYS B 165 6.24 -25.39 0.66
C LYS B 165 6.72 -24.00 1.05
N CYS B 166 7.85 -23.61 0.46
CA CYS B 166 8.47 -22.33 0.79
C CYS B 166 9.17 -21.77 -0.45
N CYS B 167 9.45 -20.47 -0.39
CA CYS B 167 10.23 -19.80 -1.43
C CYS B 167 11.24 -18.87 -0.76
N GLY B 168 12.47 -18.89 -1.27
CA GLY B 168 13.49 -17.99 -0.79
C GLY B 168 13.98 -18.32 0.61
N GLY B 169 14.81 -17.42 1.13
CA GLY B 169 15.36 -17.59 2.46
C GLY B 169 14.41 -17.21 3.56
N GLU B 170 14.04 -15.93 3.62
CA GLU B 170 13.04 -15.46 4.58
C GLU B 170 11.69 -15.16 3.95
N ASP B 171 11.64 -14.94 2.64
CA ASP B 171 10.38 -14.77 1.93
C ASP B 171 10.64 -15.07 0.46
N TYR B 172 9.60 -14.91 -0.35
CA TYR B 172 9.76 -15.04 -1.80
C TYR B 172 10.57 -13.88 -2.39
N ARG B 173 10.67 -12.76 -1.67
CA ARG B 173 11.27 -11.56 -2.23
C ARG B 173 12.79 -11.61 -2.31
N ASP B 174 13.43 -12.53 -1.59
CA ASP B 174 14.89 -12.62 -1.66
C ASP B 174 15.38 -13.10 -3.02
N TRP B 175 14.49 -13.58 -3.89
CA TRP B 175 14.90 -13.99 -5.22
C TRP B 175 15.28 -12.81 -6.10
N SER B 176 15.02 -11.58 -5.65
CA SER B 176 15.50 -10.40 -6.37
C SER B 176 17.02 -10.32 -6.38
N LYS B 177 17.69 -11.04 -5.47
CA LYS B 177 19.15 -11.04 -5.45
C LYS B 177 19.73 -11.70 -6.69
N ASN B 178 19.07 -12.75 -7.19
CA ASN B 178 19.57 -13.46 -8.35
C ASN B 178 19.56 -12.57 -9.58
N GLN B 179 20.58 -12.75 -10.43
CA GLN B 179 20.72 -11.88 -11.60
C GLN B 179 19.57 -12.06 -12.59
N TYR B 180 19.09 -13.28 -12.76
CA TYR B 180 18.01 -13.55 -13.70
C TYR B 180 16.62 -13.28 -13.12
N HIS B 181 16.51 -13.05 -11.82
CA HIS B 181 15.24 -12.83 -11.16
C HIS B 181 15.18 -11.43 -10.54
N ASP B 182 15.72 -10.45 -11.25
CA ASP B 182 15.73 -9.06 -10.80
C ASP B 182 14.79 -8.23 -11.65
N CYS B 183 14.07 -7.29 -11.02
CA CYS B 183 13.23 -6.37 -11.77
C CYS B 183 14.05 -5.58 -12.79
N SER B 184 15.30 -5.28 -12.47
CA SER B 184 16.17 -4.60 -13.42
C SER B 184 16.62 -5.51 -14.55
N ALA B 185 16.61 -6.81 -14.34
CA ALA B 185 17.01 -7.75 -15.38
C ALA B 185 16.00 -7.71 -16.54
N PRO B 186 16.46 -7.95 -17.76
CA PRO B 186 15.57 -7.87 -18.94
C PRO B 186 14.92 -9.19 -19.32
N GLY B 187 15.24 -10.29 -18.66
CA GLY B 187 14.71 -11.58 -19.04
C GLY B 187 13.28 -11.75 -18.62
N PRO B 188 12.67 -12.85 -19.07
CA PRO B 188 11.29 -13.13 -18.68
C PRO B 188 11.11 -13.36 -17.20
N LEU B 189 12.15 -13.83 -16.52
CA LEU B 189 12.11 -14.09 -15.08
C LEU B 189 12.39 -12.85 -14.25
N ALA B 190 12.25 -11.66 -14.83
CA ALA B 190 12.52 -10.41 -14.13
C ALA B 190 11.65 -10.29 -12.89
N CYS B 191 12.29 -10.28 -11.72
CA CYS B 191 11.63 -10.30 -10.41
C CYS B 191 10.44 -11.27 -10.42
N GLY B 192 10.75 -12.52 -10.72
CA GLY B 192 9.77 -13.59 -10.70
C GLY B 192 10.37 -14.84 -10.09
N VAL B 193 9.70 -15.42 -9.10
CA VAL B 193 10.23 -16.56 -8.36
C VAL B 193 10.32 -17.77 -9.28
N PRO B 194 11.22 -18.72 -9.00
CA PRO B 194 11.35 -19.89 -9.87
C PRO B 194 10.08 -20.72 -9.91
N TYR B 195 10.09 -21.70 -10.81
CA TYR B 195 8.97 -22.61 -11.02
C TYR B 195 8.77 -23.59 -9.88
N THR B 196 9.51 -23.47 -8.79
CA THR B 196 9.33 -24.37 -7.65
C THR B 196 8.56 -23.74 -6.50
N CYS B 197 8.52 -22.40 -6.42
CA CYS B 197 7.75 -21.74 -5.37
C CYS B 197 6.25 -21.76 -5.64
N CYS B 198 5.83 -21.93 -6.89
CA CYS B 198 4.41 -21.83 -7.20
C CYS B 198 3.64 -22.99 -6.59
N ILE B 199 2.44 -22.69 -6.09
CA ILE B 199 1.57 -23.73 -5.55
C ILE B 199 1.23 -24.70 -6.67
N ARG B 200 1.48 -25.99 -6.42
CA ARG B 200 1.29 -27.02 -7.43
C ARG B 200 0.78 -28.28 -6.75
N ASN B 201 -0.44 -28.70 -7.11
CA ASN B 201 -0.96 -29.97 -6.64
C ASN B 201 -0.17 -31.11 -7.26
N THR B 202 -0.08 -32.23 -6.52
CA THR B 202 0.62 -33.40 -7.04
C THR B 202 -0.03 -33.91 -8.32
N THR B 203 -1.34 -33.76 -8.46
CA THR B 203 -2.05 -34.13 -9.67
C THR B 203 -2.20 -32.91 -10.59
N GLU B 204 -1.06 -32.38 -11.02
CA GLU B 204 -1.04 -31.20 -11.87
C GLU B 204 0.26 -31.18 -12.65
N VAL B 205 0.29 -30.36 -13.70
CA VAL B 205 1.46 -30.21 -14.56
C VAL B 205 2.20 -28.93 -14.17
N VAL B 206 3.52 -29.05 -14.04
CA VAL B 206 4.33 -27.91 -13.64
C VAL B 206 4.48 -26.95 -14.81
N ASN B 207 4.29 -25.66 -14.53
CA ASN B 207 4.48 -24.60 -15.52
C ASN B 207 5.61 -23.70 -15.08
N THR B 208 6.55 -23.44 -15.99
CA THR B 208 7.68 -22.57 -15.66
C THR B 208 7.20 -21.14 -15.39
N MET B 209 6.20 -20.69 -16.14
CA MET B 209 5.65 -19.33 -16.05
C MET B 209 4.82 -19.10 -14.78
N CYS B 210 4.79 -20.03 -13.83
CA CYS B 210 3.92 -19.88 -12.66
C CYS B 210 4.34 -18.67 -11.82
N GLY B 211 5.63 -18.55 -11.54
CA GLY B 211 6.14 -17.52 -10.68
C GLY B 211 6.51 -16.22 -11.36
N TYR B 212 6.21 -16.07 -12.65
CA TYR B 212 6.53 -14.85 -13.37
C TYR B 212 5.77 -13.67 -12.80
N LYS B 213 6.46 -12.53 -12.68
CA LYS B 213 5.88 -11.27 -12.22
C LYS B 213 5.24 -11.43 -10.84
N THR B 214 6.08 -11.75 -9.87
CA THR B 214 5.58 -12.05 -8.53
C THR B 214 6.24 -11.23 -7.43
N ILE B 215 7.55 -10.94 -7.56
CA ILE B 215 8.27 -10.31 -6.47
C ILE B 215 7.73 -8.91 -6.19
N ASP B 216 7.48 -8.13 -7.24
CA ASP B 216 7.12 -6.73 -7.06
C ASP B 216 5.79 -6.58 -6.33
N LYS B 217 4.81 -7.40 -6.66
CA LYS B 217 3.50 -7.28 -6.02
C LYS B 217 3.56 -7.79 -4.58
N GLU B 218 2.56 -7.36 -3.80
CA GLU B 218 2.58 -7.58 -2.36
C GLU B 218 2.43 -9.06 -2.01
N ARG B 219 2.72 -9.37 -0.74
CA ARG B 219 2.77 -10.75 -0.28
C ARG B 219 1.44 -11.45 -0.44
N PHE B 220 0.35 -10.79 -0.05
CA PHE B 220 -0.96 -11.42 -0.03
C PHE B 220 -1.55 -11.61 -1.43
N SER B 221 -1.14 -10.79 -2.39
CA SER B 221 -1.67 -10.92 -3.75
C SER B 221 -1.15 -12.16 -4.47
N VAL B 222 -0.08 -12.76 -3.96
CA VAL B 222 0.53 -13.94 -4.59
C VAL B 222 0.45 -15.17 -3.69
N GLN B 223 -0.37 -15.12 -2.65
CA GLN B 223 -0.51 -16.28 -1.76
C GLN B 223 -1.22 -17.43 -2.44
N ASP B 224 -2.00 -17.17 -3.49
CA ASP B 224 -2.77 -18.19 -4.18
C ASP B 224 -2.07 -18.72 -5.42
N VAL B 225 -0.87 -18.22 -5.75
CA VAL B 225 -0.13 -18.67 -6.91
C VAL B 225 1.22 -19.29 -6.54
N ILE B 226 1.93 -18.70 -5.58
CA ILE B 226 3.24 -19.19 -5.17
C ILE B 226 3.30 -19.33 -3.66
N TYR B 227 4.26 -20.13 -3.20
CA TYR B 227 4.57 -20.19 -1.79
C TYR B 227 5.27 -18.91 -1.37
N VAL B 228 4.83 -18.34 -0.24
CA VAL B 228 5.29 -17.01 0.16
C VAL B 228 6.33 -17.09 1.29
N ARG B 229 6.14 -17.98 2.25
CA ARG B 229 7.04 -18.04 3.39
C ARG B 229 8.43 -18.50 2.97
N GLY B 230 9.43 -18.04 3.69
CA GLY B 230 10.80 -18.45 3.43
C GLY B 230 11.05 -19.89 3.84
N CYS B 231 12.18 -20.43 3.37
CA CYS B 231 12.49 -21.82 3.64
C CYS B 231 13.21 -21.99 4.97
N THR B 232 13.91 -20.97 5.46
CA THR B 232 14.49 -21.05 6.79
C THR B 232 13.39 -21.17 7.84
N ASN B 233 12.41 -20.25 7.79
CA ASN B 233 11.30 -20.31 8.72
C ASN B 233 10.49 -21.59 8.55
N ALA B 234 10.34 -22.04 7.30
CA ALA B 234 9.63 -23.30 7.06
C ALA B 234 10.37 -24.48 7.70
N VAL B 235 11.70 -24.48 7.61
CA VAL B 235 12.47 -25.57 8.20
C VAL B 235 12.34 -25.57 9.72
N ILE B 236 12.48 -24.41 10.35
CA ILE B 236 12.34 -24.36 11.80
C ILE B 236 10.91 -24.72 12.21
N ILE B 237 9.92 -24.30 11.42
CA ILE B 237 8.53 -24.63 11.74
C ILE B 237 8.32 -26.14 11.66
N TRP B 238 8.87 -26.78 10.63
CA TRP B 238 8.74 -28.23 10.52
C TRP B 238 9.45 -28.94 11.67
N PHE B 239 10.64 -28.47 12.05
CA PHE B 239 11.36 -29.10 13.15
C PHE B 239 10.60 -28.96 14.46
N MET B 240 10.00 -27.79 14.70
CA MET B 240 9.12 -27.65 15.85
C MET B 240 7.89 -28.54 15.72
N ASP B 241 7.44 -28.78 14.50
CA ASP B 241 6.25 -29.57 14.24
C ASP B 241 6.51 -31.07 14.27
N ASN B 242 7.75 -31.49 14.19
CA ASN B 242 8.12 -32.90 14.11
C ASN B 242 9.20 -33.21 15.15
N TYR B 243 8.92 -32.82 16.39
CA TYR B 243 9.93 -32.89 17.45
C TYR B 243 10.47 -34.30 17.65
N THR B 244 9.71 -35.34 17.29
CA THR B 244 10.27 -36.68 17.29
C THR B 244 11.43 -36.79 16.31
N ILE B 245 11.23 -36.29 15.09
CA ILE B 245 12.28 -36.34 14.07
C ILE B 245 13.45 -35.45 14.48
N MET B 246 13.16 -34.26 15.03
CA MET B 246 14.23 -33.37 15.47
C MET B 246 15.06 -34.01 16.57
N ALA B 247 14.38 -34.64 17.53
CA ALA B 247 15.10 -35.34 18.61
C ALA B 247 15.93 -36.47 18.06
N GLY B 248 15.39 -37.23 17.10
CA GLY B 248 16.16 -38.29 16.49
C GLY B 248 17.40 -37.78 15.78
N ILE B 249 17.27 -36.67 15.05
CA ILE B 249 18.41 -36.11 14.33
C ILE B 249 19.47 -35.61 15.31
N LEU B 250 19.04 -34.88 16.35
CA LEU B 250 20.00 -34.36 17.32
C LEU B 250 20.68 -35.48 18.08
N LEU B 251 19.95 -36.55 18.41
CA LEU B 251 20.57 -37.70 19.06
C LEU B 251 21.56 -38.38 18.13
N GLY B 252 21.19 -38.58 16.86
CA GLY B 252 22.13 -39.18 15.93
C GLY B 252 23.35 -38.32 15.67
N ILE B 253 23.25 -37.01 15.92
CA ILE B 253 24.41 -36.14 15.74
C ILE B 253 25.30 -36.15 16.98
N LEU B 254 24.71 -36.09 18.17
CA LEU B 254 25.49 -35.92 19.39
C LEU B 254 25.85 -37.25 20.07
N LEU B 255 24.86 -38.11 20.26
CA LEU B 255 25.06 -39.35 21.03
C LEU B 255 26.21 -40.23 20.53
N PRO B 256 26.45 -40.41 19.22
CA PRO B 256 27.65 -41.18 18.83
C PRO B 256 28.93 -40.58 19.36
N GLN B 257 29.06 -39.25 19.35
CA GLN B 257 30.25 -38.61 19.89
C GLN B 257 30.37 -38.86 21.40
N PHE B 258 29.25 -38.75 22.11
CA PHE B 258 29.26 -39.01 23.55
C PHE B 258 29.63 -40.45 23.85
N LEU B 259 29.12 -41.38 23.03
CA LEU B 259 29.48 -42.79 23.18
C LEU B 259 30.96 -42.99 22.96
N GLY B 260 31.52 -42.32 21.95
CA GLY B 260 32.96 -42.38 21.74
C GLY B 260 33.74 -41.85 22.92
N VAL B 261 33.28 -40.74 23.50
CA VAL B 261 33.97 -40.17 24.66
C VAL B 261 33.95 -41.14 25.83
N LEU B 262 32.76 -41.70 26.12
CA LEU B 262 32.64 -42.63 27.24
C LEU B 262 33.44 -43.90 27.00
N LEU B 263 33.42 -44.42 25.78
CA LEU B 263 34.24 -45.58 25.45
C LEU B 263 35.71 -45.27 25.61
N THR B 264 36.12 -44.04 25.30
CA THR B 264 37.52 -43.67 25.49
C THR B 264 37.87 -43.59 26.97
N LEU B 265 36.95 -43.10 27.80
CA LEU B 265 37.14 -43.20 29.25
C LEU B 265 37.35 -44.64 29.68
N LEU B 266 36.51 -45.55 29.19
CA LEU B 266 36.61 -46.94 29.57
C LEU B 266 37.95 -47.55 29.14
N TYR B 267 38.38 -47.24 27.91
CA TYR B 267 39.68 -47.73 27.46
C TYR B 267 40.83 -47.09 28.21
N ILE B 268 40.66 -45.84 28.65
CA ILE B 268 41.68 -45.21 29.49
C ILE B 268 41.80 -45.95 30.81
N THR B 269 40.67 -46.33 31.40
CA THR B 269 40.70 -47.13 32.62
C THR B 269 41.37 -48.48 32.37
N ARG B 270 41.05 -49.11 31.23
CA ARG B 270 41.65 -50.40 30.91
C ARG B 270 43.16 -50.29 30.74
N VAL B 271 43.62 -49.26 30.04
CA VAL B 271 45.06 -49.11 29.83
C VAL B 271 45.75 -48.68 31.11
N GLU B 272 45.05 -47.96 32.01
CA GLU B 272 45.62 -47.66 33.31
C GLU B 272 45.81 -48.93 34.12
N ASP B 273 44.82 -49.83 34.09
CA ASP B 273 45.00 -51.14 34.70
C ASP B 273 46.16 -51.89 34.06
N ILE B 274 46.31 -51.75 32.74
CA ILE B 274 47.37 -52.46 32.03
C ILE B 274 48.75 -51.97 32.49
N ILE B 275 48.93 -50.65 32.60
CA ILE B 275 50.23 -50.14 33.02
C ILE B 275 50.47 -50.43 34.49
N MET B 276 49.42 -50.43 35.31
CA MET B 276 49.58 -50.79 36.72
C MET B 276 50.00 -52.24 36.87
N GLU B 277 49.42 -53.14 36.07
CA GLU B 277 49.77 -54.55 36.15
C GLU B 277 51.16 -54.82 35.58
N HIS B 278 51.52 -54.11 34.51
CA HIS B 278 52.85 -54.25 33.92
C HIS B 278 53.95 -53.73 34.83
N SER B 279 53.60 -52.98 35.87
CA SER B 279 54.58 -52.45 36.81
C SER B 279 54.48 -53.16 38.16
N GLN C 1 -27.38 31.84 16.82
CA GLN C 1 -27.36 31.88 15.37
C GLN C 1 -25.98 32.26 14.86
N VAL C 2 -25.85 32.38 13.54
CA VAL C 2 -24.60 32.73 12.88
C VAL C 2 -24.75 34.12 12.28
N GLN C 3 -23.83 35.01 12.62
CA GLN C 3 -23.88 36.40 12.17
C GLN C 3 -22.53 36.85 11.65
N LEU C 4 -22.57 37.78 10.70
CA LEU C 4 -21.38 38.44 10.18
C LEU C 4 -21.56 39.95 10.33
N LYS C 5 -20.50 40.62 10.78
CA LYS C 5 -20.53 42.06 10.98
C LYS C 5 -19.26 42.68 10.42
N GLU C 6 -19.42 43.82 9.75
CA GLU C 6 -18.31 44.54 9.14
C GLU C 6 -18.11 45.88 9.83
N SER C 7 -16.86 46.18 10.17
CA SER C 7 -16.49 47.48 10.73
C SER C 7 -15.70 48.24 9.69
N GLY C 8 -16.18 49.44 9.33
CA GLY C 8 -15.56 50.21 8.28
C GLY C 8 -15.24 51.63 8.69
N PRO C 9 -14.17 52.19 8.12
CA PRO C 9 -13.82 53.58 8.44
C PRO C 9 -14.89 54.58 8.03
N GLY C 10 -15.64 54.30 6.96
CA GLY C 10 -16.68 55.20 6.51
C GLY C 10 -16.17 56.29 5.58
N LEU C 11 -15.26 57.12 6.07
CA LEU C 11 -14.71 58.22 5.29
C LEU C 11 -13.30 57.84 4.85
N VAL C 12 -13.04 57.92 3.55
CA VAL C 12 -11.77 57.53 2.97
C VAL C 12 -11.25 58.69 2.13
N ALA C 13 -10.05 59.16 2.45
CA ALA C 13 -9.40 60.18 1.62
C ALA C 13 -9.03 59.58 0.27
N PRO C 14 -9.26 60.31 -0.82
CA PRO C 14 -8.90 59.79 -2.15
C PRO C 14 -7.41 59.45 -2.21
N SER C 15 -7.12 58.37 -2.94
CA SER C 15 -5.75 57.86 -3.08
C SER C 15 -5.12 57.54 -1.72
N GLN C 16 -5.93 57.03 -0.80
CA GLN C 16 -5.46 56.59 0.50
C GLN C 16 -6.05 55.22 0.79
N SER C 17 -5.26 54.35 1.42
CA SER C 17 -5.62 52.95 1.57
C SER C 17 -6.85 52.76 2.44
N LEU C 18 -7.54 51.64 2.22
CA LEU C 18 -8.76 51.30 2.93
C LEU C 18 -8.57 49.97 3.65
N SER C 19 -9.20 49.83 4.81
CA SER C 19 -9.20 48.58 5.57
C SER C 19 -10.58 48.34 6.14
N ILE C 20 -11.19 47.22 5.78
CA ILE C 20 -12.46 46.78 6.35
C ILE C 20 -12.25 45.41 6.96
N THR C 21 -12.85 45.19 8.14
CA THR C 21 -12.77 43.91 8.84
C THR C 21 -14.17 43.33 8.99
N CYS C 22 -14.32 42.05 8.67
CA CYS C 22 -15.59 41.34 8.79
C CYS C 22 -15.38 40.28 9.87
N THR C 23 -15.64 40.65 11.12
CA THR C 23 -15.45 39.75 12.25
C THR C 23 -16.59 38.73 12.24
N VAL C 24 -16.32 37.57 11.66
CA VAL C 24 -17.33 36.54 11.52
C VAL C 24 -17.54 35.84 12.86
N SER C 25 -18.63 35.10 12.95
CA SER C 25 -18.92 34.30 14.14
C SER C 25 -19.90 33.20 13.77
N GLY C 26 -19.85 32.11 14.53
CA GLY C 26 -20.78 31.02 14.37
C GLY C 26 -20.32 29.90 13.47
N PHE C 27 -19.28 30.11 12.65
CA PHE C 27 -18.77 29.04 11.81
C PHE C 27 -17.25 29.03 11.87
N SER C 28 -16.67 27.88 11.59
CA SER C 28 -15.22 27.75 11.47
C SER C 28 -14.80 28.30 10.10
N LEU C 29 -13.98 29.35 10.11
CA LEU C 29 -13.51 29.93 8.86
C LEU C 29 -12.65 28.97 8.06
N THR C 30 -12.10 27.92 8.70
CA THR C 30 -11.30 26.95 7.99
C THR C 30 -12.12 26.12 7.02
N GLY C 31 -13.44 26.07 7.19
CA GLY C 31 -14.28 25.28 6.31
C GLY C 31 -15.27 26.10 5.50
N TYR C 32 -15.21 27.42 5.64
CA TYR C 32 -16.09 28.32 4.91
C TYR C 32 -15.29 29.47 4.33
N GLY C 33 -15.70 29.93 3.15
CA GLY C 33 -15.08 31.06 2.49
C GLY C 33 -15.94 32.30 2.64
N VAL C 34 -15.30 33.43 2.93
CA VAL C 34 -15.97 34.70 3.12
C VAL C 34 -15.67 35.57 1.90
N ASN C 35 -16.73 35.93 1.18
CA ASN C 35 -16.59 36.73 -0.03
C ASN C 35 -16.50 38.21 0.35
N TRP C 36 -16.43 39.07 -0.67
CA TRP C 36 -16.43 40.51 -0.45
C TRP C 36 -17.07 41.14 -1.69
N VAL C 37 -18.34 41.52 -1.55
CA VAL C 37 -19.11 42.10 -2.65
C VAL C 37 -19.50 43.52 -2.27
N ARG C 38 -19.13 44.47 -3.12
CA ARG C 38 -19.46 45.88 -2.91
C ARG C 38 -20.66 46.26 -3.77
N GLN C 39 -21.26 47.39 -3.42
CA GLN C 39 -22.48 47.84 -4.09
C GLN C 39 -22.48 49.36 -4.19
N PRO C 40 -22.36 49.90 -5.39
CA PRO C 40 -22.46 51.36 -5.57
C PRO C 40 -23.84 51.85 -5.18
N PRO C 41 -23.99 53.14 -4.86
CA PRO C 41 -25.30 53.64 -4.41
C PRO C 41 -26.39 53.43 -5.43
N GLY C 42 -27.36 52.59 -5.11
CA GLY C 42 -28.45 52.30 -6.03
C GLY C 42 -28.01 51.63 -7.32
N LYS C 43 -27.09 50.68 -7.23
CA LYS C 43 -26.56 49.99 -8.40
C LYS C 43 -26.50 48.49 -8.12
N GLY C 44 -26.00 47.74 -9.11
CA GLY C 44 -25.91 46.30 -8.97
C GLY C 44 -24.74 45.86 -8.12
N LEU C 45 -24.84 44.61 -7.65
CA LEU C 45 -23.78 44.04 -6.84
C LEU C 45 -22.51 43.85 -7.67
N GLU C 46 -21.37 44.17 -7.06
CA GLU C 46 -20.07 43.99 -7.69
C GLU C 46 -19.20 43.13 -6.78
N TRP C 47 -18.49 42.19 -7.39
CA TRP C 47 -17.69 41.22 -6.66
C TRP C 47 -16.23 41.66 -6.64
N LEU C 48 -15.64 41.69 -5.45
CA LEU C 48 -14.23 42.03 -5.30
C LEU C 48 -13.37 40.78 -5.29
N GLY C 49 -13.57 39.91 -4.31
CA GLY C 49 -12.74 38.74 -4.17
C GLY C 49 -13.16 37.94 -2.96
N VAL C 50 -12.56 36.77 -2.83
CA VAL C 50 -12.89 35.84 -1.76
C VAL C 50 -11.60 35.33 -1.12
N ILE C 51 -11.70 34.92 0.14
CA ILE C 51 -10.68 34.15 0.82
C ILE C 51 -11.32 32.84 1.28
N TRP C 52 -10.69 31.73 0.94
CA TRP C 52 -11.29 30.42 1.13
C TRP C 52 -11.00 29.92 2.54
N GLY C 53 -11.35 28.66 2.81
CA GLY C 53 -11.09 28.08 4.11
C GLY C 53 -9.63 27.78 4.37
N ASP C 54 -8.83 27.67 3.32
CA ASP C 54 -7.40 27.38 3.43
C ASP C 54 -6.54 28.62 3.20
N GLY C 55 -7.14 29.80 3.15
CA GLY C 55 -6.40 31.03 2.94
C GLY C 55 -6.19 31.43 1.50
N THR C 56 -6.57 30.58 0.55
CA THR C 56 -6.43 30.94 -0.85
C THR C 56 -7.38 32.07 -1.22
N THR C 57 -6.94 32.90 -2.16
CA THR C 57 -7.71 34.06 -2.59
C THR C 57 -7.92 34.04 -4.11
N ASP C 58 -9.02 34.63 -4.54
CA ASP C 58 -9.36 34.73 -5.95
C ASP C 58 -10.15 36.02 -6.14
N TYR C 59 -9.48 37.06 -6.65
CA TYR C 59 -10.05 38.38 -6.74
C TYR C 59 -10.71 38.60 -8.10
N GLN C 60 -11.30 39.79 -8.27
CA GLN C 60 -11.80 40.20 -9.57
C GLN C 60 -10.64 40.67 -10.43
N SER C 61 -10.70 40.31 -11.72
CA SER C 61 -9.58 40.59 -12.62
C SER C 61 -9.33 42.10 -12.77
N THR C 62 -10.38 42.92 -12.66
CA THR C 62 -10.20 44.35 -12.83
C THR C 62 -9.75 45.05 -11.56
N LEU C 63 -9.80 44.38 -10.41
CA LEU C 63 -9.33 44.94 -9.15
C LEU C 63 -8.23 44.11 -8.51
N LYS C 64 -7.52 43.29 -9.30
CA LYS C 64 -6.49 42.42 -8.74
C LYS C 64 -5.37 43.22 -8.09
N SER C 65 -4.93 44.30 -8.75
CA SER C 65 -3.76 45.04 -8.29
C SER C 65 -4.00 45.68 -6.92
N ARG C 66 -5.19 46.27 -6.72
CA ARG C 66 -5.45 47.03 -5.50
C ARG C 66 -5.98 46.17 -4.37
N LEU C 67 -6.68 45.08 -4.68
CA LEU C 67 -7.34 44.29 -3.65
C LEU C 67 -6.33 43.52 -2.81
N SER C 68 -6.71 43.29 -1.55
CA SER C 68 -5.87 42.51 -0.63
C SER C 68 -6.79 41.97 0.46
N ILE C 69 -6.92 40.65 0.54
CA ILE C 69 -7.79 39.99 1.51
C ILE C 69 -6.96 39.01 2.31
N SER C 70 -7.04 39.11 3.64
CA SER C 70 -6.35 38.21 4.54
C SER C 70 -7.28 37.86 5.68
N LYS C 71 -6.90 36.85 6.47
CA LYS C 71 -7.72 36.42 7.58
C LYS C 71 -6.84 35.72 8.60
N ASP C 72 -7.36 35.62 9.83
CA ASP C 72 -6.75 34.84 10.90
C ASP C 72 -7.79 33.83 11.37
N ASN C 73 -7.53 32.55 11.12
CA ASN C 73 -8.50 31.51 11.43
C ASN C 73 -8.81 31.46 12.92
N SER C 74 -7.77 31.53 13.76
CA SER C 74 -7.99 31.53 15.20
C SER C 74 -8.73 32.78 15.66
N LYS C 75 -8.35 33.94 15.13
CA LYS C 75 -8.98 35.20 15.54
C LYS C 75 -10.39 35.33 14.96
N SER C 76 -10.74 34.54 13.96
CA SER C 76 -12.08 34.57 13.35
C SER C 76 -12.43 35.96 12.83
N GLN C 77 -11.53 36.52 12.03
CA GLN C 77 -11.73 37.86 11.46
C GLN C 77 -11.21 37.87 10.03
N VAL C 78 -12.03 38.37 9.11
CA VAL C 78 -11.66 38.50 7.71
C VAL C 78 -11.37 39.97 7.44
N PHE C 79 -10.22 40.23 6.82
CA PHE C 79 -9.73 41.59 6.58
C PHE C 79 -9.67 41.85 5.09
N LEU C 80 -10.18 43.01 4.68
CA LEU C 80 -10.12 43.45 3.28
C LEU C 80 -9.37 44.77 3.24
N LYS C 81 -8.33 44.82 2.40
CA LYS C 81 -7.51 46.02 2.26
C LYS C 81 -7.53 46.48 0.81
N MET C 82 -7.86 47.75 0.60
CA MET C 82 -7.85 48.37 -0.72
C MET C 82 -6.84 49.52 -0.72
N ASN C 83 -6.26 49.78 -1.89
CA ASN C 83 -5.26 50.82 -2.04
C ASN C 83 -5.62 51.73 -3.21
N SER C 84 -5.44 53.04 -3.00
CA SER C 84 -5.63 54.05 -4.03
C SER C 84 -7.05 54.00 -4.62
N LEU C 85 -8.01 54.26 -3.75
CA LEU C 85 -9.42 54.29 -4.16
C LEU C 85 -9.76 55.65 -4.73
N GLN C 86 -10.20 55.68 -5.99
CA GLN C 86 -10.61 56.92 -6.64
C GLN C 86 -12.02 57.29 -6.18
N THR C 87 -12.59 58.34 -6.79
CA THR C 87 -13.91 58.81 -6.41
C THR C 87 -15.01 57.83 -6.79
N VAL C 88 -14.76 56.94 -7.75
CA VAL C 88 -15.77 55.96 -8.15
C VAL C 88 -15.85 54.80 -7.18
N ASP C 89 -14.90 54.67 -6.26
CA ASP C 89 -14.84 53.52 -5.36
C ASP C 89 -15.92 53.55 -4.28
N THR C 90 -16.66 54.64 -4.15
CA THR C 90 -17.68 54.72 -3.12
C THR C 90 -18.75 53.66 -3.34
N ALA C 91 -19.08 52.93 -2.28
CA ALA C 91 -20.03 51.82 -2.37
C ALA C 91 -20.37 51.37 -0.96
N ARG C 92 -21.20 50.33 -0.87
CA ARG C 92 -21.51 49.64 0.38
C ARG C 92 -20.85 48.27 0.32
N TYR C 93 -19.98 48.00 1.29
CA TYR C 93 -19.08 46.85 1.24
C TYR C 93 -19.62 45.75 2.14
N TYR C 94 -20.18 44.71 1.54
CA TYR C 94 -20.75 43.58 2.27
C TYR C 94 -19.74 42.43 2.30
N CYS C 95 -19.69 41.73 3.42
CA CYS C 95 -18.98 40.46 3.52
C CYS C 95 -20.01 39.34 3.58
N ALA C 96 -19.84 38.33 2.73
CA ALA C 96 -20.78 37.23 2.64
C ALA C 96 -20.02 35.92 2.72
N ARG C 97 -20.70 34.88 3.21
CA ARG C 97 -20.11 33.58 3.42
C ARG C 97 -20.46 32.66 2.26
N ASP C 98 -19.46 31.95 1.75
CA ASP C 98 -19.66 31.00 0.65
C ASP C 98 -20.14 29.69 1.25
N GLY C 99 -21.45 29.52 1.31
CA GLY C 99 -22.06 28.32 1.87
C GLY C 99 -22.00 27.15 0.91
N ASP C 100 -22.96 26.23 1.08
CA ASP C 100 -23.01 25.05 0.23
C ASP C 100 -23.29 25.43 -1.21
N TYR C 101 -22.57 24.78 -2.13
CA TYR C 101 -22.74 24.99 -3.57
C TYR C 101 -22.51 26.44 -3.98
N GLY C 102 -21.65 27.14 -3.26
CA GLY C 102 -21.32 28.51 -3.59
C GLY C 102 -22.34 29.54 -3.18
N ARG C 103 -23.41 29.14 -2.47
CA ARG C 103 -24.46 30.06 -2.12
C ARG C 103 -23.98 31.06 -1.07
N LEU C 104 -24.42 32.30 -1.20
CA LEU C 104 -24.11 33.36 -0.25
C LEU C 104 -25.27 33.49 0.75
N ASP C 105 -25.37 32.49 1.61
CA ASP C 105 -26.53 32.38 2.48
C ASP C 105 -26.59 33.51 3.50
N TYR C 106 -25.48 33.74 4.21
CA TYR C 106 -25.46 34.67 5.34
C TYR C 106 -24.62 35.88 4.99
N TRP C 107 -25.18 37.07 5.19
CA TRP C 107 -24.54 38.33 4.86
C TRP C 107 -24.43 39.21 6.10
N GLY C 108 -23.57 40.22 6.01
CA GLY C 108 -23.46 41.21 7.05
C GLY C 108 -24.22 42.48 6.74
N GLN C 109 -24.30 43.37 7.73
CA GLN C 109 -25.00 44.62 7.54
C GLN C 109 -24.33 45.48 6.47
N GLY C 110 -23.00 45.49 6.45
CA GLY C 110 -22.25 46.27 5.49
C GLY C 110 -21.89 47.64 6.01
N THR C 111 -20.88 48.24 5.39
CA THR C 111 -20.38 49.55 5.76
C THR C 111 -20.46 50.49 4.57
N THR C 112 -21.02 51.67 4.78
CA THR C 112 -21.02 52.69 3.75
C THR C 112 -19.62 53.28 3.62
N LEU C 113 -19.12 53.33 2.40
CA LEU C 113 -17.77 53.84 2.12
C LEU C 113 -17.88 55.12 1.31
N THR C 114 -17.42 56.22 1.88
CA THR C 114 -17.45 57.52 1.23
C THR C 114 -16.02 57.92 0.90
N VAL C 115 -15.76 58.23 -0.37
CA VAL C 115 -14.46 58.71 -0.82
C VAL C 115 -14.64 60.15 -1.31
N SER C 116 -13.93 61.08 -0.66
CA SER C 116 -14.04 62.49 -0.99
C SER C 116 -12.93 63.29 -0.31
N SER C 117 -12.27 64.15 -1.08
CA SER C 117 -11.25 65.03 -0.50
C SER C 117 -11.86 66.13 0.37
N ALA C 118 -13.18 66.32 0.33
CA ALA C 118 -13.82 67.35 1.12
C ALA C 118 -13.82 66.97 2.60
N LYS C 119 -13.94 67.98 3.45
CA LYS C 119 -13.94 67.79 4.89
C LYS C 119 -15.38 67.70 5.41
N THR C 120 -15.51 67.56 6.73
CA THR C 120 -16.81 67.47 7.34
C THR C 120 -17.53 68.82 7.31
N THR C 121 -18.86 68.75 7.40
CA THR C 121 -19.68 69.96 7.40
C THR C 121 -21.00 69.71 8.13
N GLN D 1 -14.99 32.99 -18.55
CA GLN D 1 -15.78 34.19 -18.28
C GLN D 1 -17.28 33.92 -18.45
N ILE D 2 -18.06 34.29 -17.44
CA ILE D 2 -19.50 34.09 -17.44
C ILE D 2 -20.17 35.42 -17.18
N VAL D 3 -21.30 35.65 -17.85
CA VAL D 3 -22.14 36.82 -17.60
C VAL D 3 -23.56 36.33 -17.33
N LEU D 4 -24.16 36.81 -16.25
CA LEU D 4 -25.49 36.37 -15.83
C LEU D 4 -26.48 37.44 -16.26
N THR D 5 -27.09 37.24 -17.43
CA THR D 5 -28.06 38.18 -17.95
C THR D 5 -29.41 37.95 -17.27
N GLN D 6 -29.92 39.00 -16.63
CA GLN D 6 -31.19 38.95 -15.92
C GLN D 6 -32.20 39.84 -16.63
N SER D 7 -33.34 39.27 -16.98
CA SER D 7 -34.40 39.97 -17.69
C SER D 7 -35.75 39.62 -17.08
N PRO D 8 -36.70 40.56 -17.07
CA PRO D 8 -36.53 41.97 -17.44
C PRO D 8 -35.93 42.79 -16.30
N ALA D 9 -35.39 43.96 -16.63
CA ALA D 9 -34.70 44.77 -15.62
C ALA D 9 -35.68 45.29 -14.57
N ILE D 10 -36.79 45.91 -15.00
CA ILE D 10 -37.76 46.51 -14.10
C ILE D 10 -39.05 45.70 -14.17
N MET D 11 -39.49 45.22 -13.01
CA MET D 11 -40.76 44.51 -12.88
C MET D 11 -41.80 45.42 -12.24
N SER D 12 -42.93 45.58 -12.92
CA SER D 12 -44.07 46.33 -12.41
C SER D 12 -45.29 45.42 -12.44
N ALA D 13 -45.62 44.83 -11.30
CA ALA D 13 -46.75 43.91 -11.20
C ALA D 13 -47.69 44.37 -10.10
N SER D 14 -48.99 44.33 -10.40
CA SER D 14 -50.00 44.73 -9.43
C SER D 14 -50.09 43.69 -8.32
N LEU D 15 -50.72 44.09 -7.21
CA LEU D 15 -50.82 43.23 -6.04
C LEU D 15 -51.59 41.95 -6.37
N GLY D 16 -51.05 40.82 -5.91
CA GLY D 16 -51.71 39.54 -6.02
C GLY D 16 -51.52 38.82 -7.34
N GLU D 17 -50.75 39.37 -8.28
CA GLU D 17 -50.56 38.74 -9.57
C GLU D 17 -49.51 37.65 -9.47
N ARG D 18 -49.11 37.11 -10.63
CA ARG D 18 -48.02 36.15 -10.73
C ARG D 18 -46.93 36.76 -11.58
N VAL D 19 -45.77 37.01 -10.98
CA VAL D 19 -44.64 37.65 -11.66
C VAL D 19 -43.50 36.64 -11.74
N THR D 20 -42.93 36.51 -12.94
CA THR D 20 -41.80 35.61 -13.18
C THR D 20 -40.53 36.43 -13.39
N MET D 21 -39.40 35.83 -13.04
CA MET D 21 -38.10 36.48 -13.13
C MET D 21 -37.14 35.52 -13.81
N THR D 22 -36.46 36.00 -14.86
CA THR D 22 -35.65 35.16 -15.74
C THR D 22 -34.19 35.56 -15.62
N CYS D 23 -33.33 34.58 -15.35
CA CYS D 23 -31.88 34.75 -15.38
C CYS D 23 -31.29 33.80 -16.41
N THR D 24 -30.57 34.35 -17.39
CA THR D 24 -29.94 33.58 -18.45
C THR D 24 -28.43 33.71 -18.32
N VAL D 25 -27.75 32.58 -18.26
CA VAL D 25 -26.29 32.58 -18.16
C VAL D 25 -25.69 32.44 -19.54
N SER D 26 -24.43 32.88 -19.68
CA SER D 26 -23.75 32.81 -20.96
C SER D 26 -23.43 31.36 -21.33
N SER D 27 -22.88 30.60 -20.39
CA SER D 27 -22.52 29.21 -20.60
C SER D 27 -23.21 28.35 -19.55
N SER D 28 -23.61 27.14 -19.96
CA SER D 28 -24.35 26.27 -19.06
C SER D 28 -23.55 25.94 -17.81
N VAL D 29 -24.21 26.04 -16.65
CA VAL D 29 -23.60 25.74 -15.37
C VAL D 29 -24.53 24.80 -14.62
N SER D 30 -23.99 24.20 -13.55
CA SER D 30 -24.75 23.21 -12.80
C SER D 30 -26.01 23.81 -12.20
N SER D 31 -27.06 22.99 -12.11
CA SER D 31 -28.34 23.48 -11.64
C SER D 31 -28.27 23.94 -10.19
N GLY D 32 -27.51 23.24 -9.35
CA GLY D 32 -27.44 23.57 -7.95
C GLY D 32 -26.56 24.76 -7.59
N TYR D 33 -25.78 25.28 -8.54
CA TYR D 33 -24.84 26.33 -8.26
C TYR D 33 -25.41 27.74 -8.47
N LEU D 34 -26.63 27.86 -8.96
CA LEU D 34 -27.27 29.16 -9.14
C LEU D 34 -28.24 29.43 -8.00
N HIS D 35 -28.34 30.70 -7.61
CA HIS D 35 -29.11 31.08 -6.43
C HIS D 35 -29.83 32.40 -6.71
N TRP D 36 -30.55 32.88 -5.69
CA TRP D 36 -31.33 34.11 -5.80
C TRP D 36 -31.32 34.84 -4.46
N TYR D 37 -31.11 36.16 -4.53
CA TYR D 37 -31.12 37.03 -3.36
C TYR D 37 -31.96 38.27 -3.66
N GLN D 38 -32.79 38.68 -2.70
CA GLN D 38 -33.49 39.95 -2.82
C GLN D 38 -32.79 41.00 -1.96
N GLN D 39 -32.97 42.26 -2.35
CA GLN D 39 -32.39 43.39 -1.62
C GLN D 39 -33.44 44.49 -1.55
N LYS D 40 -33.98 44.72 -0.36
CA LYS D 40 -35.12 45.64 -0.20
C LYS D 40 -34.66 47.08 -0.01
N SER D 41 -33.81 47.55 -0.93
CA SER D 41 -33.41 48.95 -1.02
C SER D 41 -32.91 49.49 0.32
N GLY D 42 -31.83 48.89 0.81
CA GLY D 42 -31.24 49.33 2.06
C GLY D 42 -31.05 48.21 3.07
N SER D 43 -31.07 46.98 2.60
CA SER D 43 -30.85 45.81 3.44
C SER D 43 -29.88 44.87 2.74
N SER D 44 -29.21 44.04 3.54
CA SER D 44 -28.26 43.09 2.99
C SER D 44 -28.99 42.07 2.12
N PRO D 45 -28.46 41.72 0.95
CA PRO D 45 -29.14 40.73 0.11
C PRO D 45 -29.21 39.37 0.79
N LYS D 46 -30.43 38.95 1.15
CA LYS D 46 -30.64 37.69 1.84
C LYS D 46 -30.87 36.58 0.84
N LEU D 47 -30.32 35.40 1.13
CA LEU D 47 -30.53 34.26 0.26
C LEU D 47 -32.00 33.87 0.24
N TRP D 48 -32.54 33.68 -0.96
CA TRP D 48 -33.94 33.34 -1.15
C TRP D 48 -34.13 31.93 -1.71
N ILE D 49 -33.49 31.63 -2.83
CA ILE D 49 -33.52 30.31 -3.43
C ILE D 49 -32.08 29.85 -3.63
N TYR D 50 -31.77 28.64 -3.16
CA TYR D 50 -30.50 28.01 -3.44
C TYR D 50 -30.74 26.73 -4.21
N SER D 51 -29.81 26.41 -5.12
CA SER D 51 -29.92 25.28 -6.04
C SER D 51 -31.11 25.41 -6.98
N THR D 52 -31.70 26.62 -7.06
CA THR D 52 -32.77 26.96 -7.99
C THR D 52 -34.03 26.13 -7.79
N SER D 53 -34.05 25.26 -6.78
CA SER D 53 -35.24 24.49 -6.48
C SER D 53 -35.57 24.42 -4.99
N ASN D 54 -34.66 24.82 -4.10
CA ASN D 54 -34.88 24.73 -2.66
C ASN D 54 -34.94 26.14 -2.10
N LEU D 55 -36.01 26.42 -1.33
CA LEU D 55 -36.20 27.72 -0.74
C LEU D 55 -35.33 27.87 0.52
N ALA D 56 -35.13 29.12 0.92
CA ALA D 56 -34.31 29.43 2.09
C ALA D 56 -35.16 29.29 3.36
N SER D 57 -34.61 29.72 4.48
CA SER D 57 -35.30 29.65 5.76
C SER D 57 -36.10 30.91 6.01
N GLY D 58 -37.31 30.73 6.54
CA GLY D 58 -38.17 31.87 6.81
C GLY D 58 -38.61 32.61 5.57
N VAL D 59 -38.99 31.88 4.52
CA VAL D 59 -39.38 32.49 3.26
C VAL D 59 -40.77 31.98 2.88
N PRO D 60 -41.54 32.74 2.10
CA PRO D 60 -42.83 32.23 1.63
C PRO D 60 -42.66 31.14 0.58
N ALA D 61 -43.66 30.27 0.49
CA ALA D 61 -43.64 29.17 -0.47
C ALA D 61 -44.11 29.59 -1.86
N ARG D 62 -44.56 30.84 -2.03
CA ARG D 62 -45.00 31.30 -3.35
C ARG D 62 -43.86 31.41 -4.35
N PHE D 63 -42.63 31.54 -3.87
CA PHE D 63 -41.46 31.58 -4.75
C PHE D 63 -41.13 30.16 -5.20
N SER D 64 -41.12 29.94 -6.51
CA SER D 64 -40.85 28.62 -7.08
C SER D 64 -39.96 28.80 -8.30
N GLY D 65 -38.65 28.76 -8.08
CA GLY D 65 -37.71 28.86 -9.17
C GLY D 65 -37.46 27.52 -9.85
N SER D 66 -36.88 27.60 -11.03
CA SER D 66 -36.54 26.41 -11.81
C SER D 66 -35.58 26.81 -12.91
N GLY D 67 -34.93 25.82 -13.50
CA GLY D 67 -34.01 26.04 -14.59
C GLY D 67 -32.92 25.00 -14.59
N SER D 68 -32.29 24.83 -15.76
CA SER D 68 -31.21 23.88 -15.93
C SER D 68 -30.45 24.22 -17.20
N GLY D 69 -29.14 24.42 -17.07
CA GLY D 69 -28.30 24.68 -18.23
C GLY D 69 -28.02 26.14 -18.49
N THR D 70 -28.55 26.67 -19.60
CA THR D 70 -28.23 28.01 -20.05
C THR D 70 -29.24 29.06 -19.59
N SER D 71 -30.47 28.65 -19.28
CA SER D 71 -31.52 29.57 -18.87
C SER D 71 -32.12 29.12 -17.56
N TYR D 72 -32.37 30.08 -16.67
CA TYR D 72 -32.92 29.81 -15.34
C TYR D 72 -34.07 30.77 -15.10
N SER D 73 -34.84 30.52 -14.05
CA SER D 73 -36.02 31.34 -13.82
C SER D 73 -36.43 31.29 -12.35
N LEU D 74 -37.23 32.27 -11.97
CA LEU D 74 -37.83 32.34 -10.64
C LEU D 74 -39.27 32.80 -10.79
N THR D 75 -40.20 32.02 -10.26
CA THR D 75 -41.63 32.28 -10.41
C THR D 75 -42.27 32.54 -9.05
N ILE D 76 -43.23 33.47 -9.03
CA ILE D 76 -43.98 33.81 -7.83
C ILE D 76 -45.43 33.46 -8.06
N SER D 77 -46.00 32.61 -7.20
CA SER D 77 -47.38 32.21 -7.36
C SER D 77 -48.34 33.36 -7.09
N SER D 78 -48.07 34.14 -6.04
CA SER D 78 -48.91 35.27 -5.68
C SER D 78 -48.01 36.43 -5.30
N MET D 79 -48.15 37.55 -5.99
CA MET D 79 -47.26 38.69 -5.82
C MET D 79 -47.54 39.35 -4.49
N GLY D 80 -46.64 39.18 -3.51
CA GLY D 80 -46.85 39.74 -2.19
C GLY D 80 -46.52 41.22 -2.12
N ALA D 81 -47.31 41.96 -1.34
CA ALA D 81 -47.19 43.41 -1.29
C ALA D 81 -45.86 43.88 -0.73
N GLU D 82 -45.12 43.01 -0.03
CA GLU D 82 -43.83 43.35 0.54
C GLU D 82 -42.66 42.93 -0.34
N ASP D 83 -42.92 42.44 -1.54
CA ASP D 83 -41.90 41.88 -2.42
C ASP D 83 -41.11 42.94 -3.17
N ALA D 84 -41.22 44.21 -2.78
CA ALA D 84 -40.51 45.26 -3.49
C ALA D 84 -39.01 45.21 -3.20
N ALA D 85 -38.26 44.51 -4.05
CA ALA D 85 -36.84 44.35 -3.86
C ALA D 85 -36.19 43.94 -5.18
N THR D 86 -34.87 44.10 -5.25
CA THR D 86 -34.11 43.68 -6.43
C THR D 86 -33.63 42.25 -6.21
N TYR D 87 -34.16 41.33 -7.01
CA TYR D 87 -33.81 39.92 -6.90
C TYR D 87 -32.60 39.63 -7.78
N TYR D 88 -31.54 39.10 -7.19
CA TYR D 88 -30.25 38.95 -7.87
C TYR D 88 -29.99 37.47 -8.14
N CYS D 89 -29.61 37.17 -9.38
CA CYS D 89 -29.25 35.82 -9.80
C CYS D 89 -27.72 35.71 -9.80
N HIS D 90 -27.21 34.63 -9.21
CA HIS D 90 -25.81 34.54 -8.83
C HIS D 90 -25.26 33.15 -9.10
N GLN D 91 -23.96 33.10 -9.42
CA GLN D 91 -23.25 31.85 -9.61
C GLN D 91 -21.79 32.05 -9.21
N TYR D 92 -21.19 31.01 -8.63
CA TYR D 92 -19.76 31.00 -8.36
C TYR D 92 -19.16 29.63 -8.63
N ARG D 93 -19.71 28.88 -9.57
CA ARG D 93 -19.08 27.64 -9.98
C ARG D 93 -17.77 27.91 -10.72
N ARG D 94 -17.73 28.97 -11.53
CA ARG D 94 -16.54 29.36 -12.25
C ARG D 94 -16.25 30.83 -11.99
N SER D 95 -14.97 31.16 -11.91
CA SER D 95 -14.56 32.54 -11.68
C SER D 95 -14.78 33.38 -12.94
N PRO D 96 -15.13 34.67 -12.78
CA PRO D 96 -15.37 35.32 -11.50
C PRO D 96 -16.80 35.14 -10.99
N LEU D 97 -17.01 35.33 -9.69
CA LEU D 97 -18.36 35.35 -9.13
C LEU D 97 -19.13 36.50 -9.77
N THR D 98 -20.15 36.18 -10.55
CA THR D 98 -20.86 37.17 -11.35
C THR D 98 -22.30 37.29 -10.86
N PHE D 99 -22.62 38.43 -10.27
CA PHE D 99 -23.99 38.74 -9.89
C PHE D 99 -24.74 39.28 -11.10
N GLY D 100 -26.04 38.98 -11.15
CA GLY D 100 -26.88 39.53 -12.19
C GLY D 100 -27.01 41.03 -12.08
N ALA D 101 -27.40 41.65 -13.20
CA ALA D 101 -27.56 43.10 -13.21
C ALA D 101 -28.62 43.57 -12.23
N GLY D 102 -29.50 42.67 -11.78
CA GLY D 102 -30.52 43.03 -10.82
C GLY D 102 -31.83 43.36 -11.48
N THR D 103 -32.82 42.48 -11.31
CA THR D 103 -34.15 42.71 -11.89
C THR D 103 -34.99 43.42 -10.84
N LYS D 104 -35.05 44.75 -10.93
CA LYS D 104 -35.79 45.54 -9.96
C LYS D 104 -37.29 45.26 -10.07
N LEU D 105 -37.98 45.43 -8.95
CA LEU D 105 -39.41 45.15 -8.88
C LEU D 105 -40.13 46.32 -8.25
N GLU D 106 -41.28 46.65 -8.80
CA GLU D 106 -42.15 47.69 -8.26
C GLU D 106 -43.59 47.19 -8.29
N ILE D 107 -44.39 47.69 -7.36
CA ILE D 107 -45.79 47.31 -7.26
C ILE D 107 -46.62 48.25 -8.13
N LYS D 108 -47.21 47.72 -9.19
CA LYS D 108 -48.04 48.51 -10.09
C LYS D 108 -49.33 48.88 -9.37
N ARG D 109 -49.45 50.14 -8.96
CA ARG D 109 -50.60 50.64 -8.24
C ARG D 109 -51.38 51.62 -9.10
N ALA D 110 -52.43 52.21 -8.51
CA ALA D 110 -53.24 53.17 -9.22
C ALA D 110 -52.45 54.42 -9.55
N ASP D 111 -52.68 54.97 -10.74
CA ASP D 111 -51.96 56.16 -11.17
C ASP D 111 -52.37 57.36 -10.32
C1 NAG E . -3.13 13.21 16.56
C2 NAG E . -3.91 12.35 17.52
C3 NAG E . -5.26 13.01 17.85
C4 NAG E . -5.04 14.44 18.33
C5 NAG E . -4.13 15.22 17.38
C6 NAG E . -3.69 16.56 17.95
C7 NAG E . -3.17 10.07 17.02
C8 NAG E . -3.55 8.74 16.43
N2 NAG E . -4.12 11.02 16.99
O3 NAG E . -5.93 12.26 18.85
O4 NAG E . -6.30 15.12 18.38
O5 NAG E . -2.92 14.49 17.13
O6 NAG E . -2.86 17.26 17.03
O7 NAG E . -2.06 10.27 17.50
C1 NAG E . -6.61 15.55 19.73
C2 NAG E . -7.25 16.93 19.66
C3 NAG E . -7.61 17.42 21.06
C4 NAG E . -8.46 16.39 21.79
C5 NAG E . -7.80 15.01 21.73
C6 NAG E . -8.68 13.91 22.29
C7 NAG E . -6.70 18.47 17.82
C8 NAG E . -5.69 19.44 17.29
N2 NAG E . -6.38 17.90 18.99
O3 NAG E . -8.32 18.65 20.96
O4 NAG E . -8.57 16.76 23.16
O5 NAG E . -7.49 14.65 20.38
O6 NAG E . -8.80 12.82 21.38
O7 NAG E . -7.74 18.23 17.23
C1 MAN E . -9.85 17.36 23.47
C2 MAN E . -10.49 16.49 24.57
C3 MAN E . -11.90 16.07 24.12
C4 MAN E . -12.73 17.30 23.73
C5 MAN E . -12.04 18.00 22.55
C6 MAN E . -11.90 19.50 22.73
O2 MAN E . -10.64 17.25 25.77
O3 MAN E . -12.58 15.15 25.03
O4 MAN E . -14.04 16.92 23.34
O5 MAN E . -10.70 17.45 22.32
O6 MAN E . -13.18 20.03 23.06
C1 MAN E . -13.23 15.76 26.16
C2 MAN E . -12.85 14.91 27.42
C3 MAN E . -13.62 15.34 28.67
C4 MAN E . -14.88 16.12 28.34
C5 MAN E . -15.50 15.55 27.07
C6 MAN E . -16.88 16.10 26.77
O2 MAN E . -11.46 15.07 27.74
O3 MAN E . -12.79 16.08 29.57
O4 MAN E . -15.82 16.01 29.41
O5 MAN E . -14.64 15.86 25.95
O6 MAN E . -17.69 15.94 27.92
C1 NAG F . -18.23 -18.40 17.71
C2 NAG F . -19.08 -19.62 17.36
C3 NAG F . -19.10 -20.60 18.55
C4 NAG F . -17.69 -20.93 19.01
C5 NAG F . -16.90 -19.64 19.26
C6 NAG F . -15.45 -19.88 19.58
C7 NAG F . -21.22 -19.95 16.21
C8 NAG F . -22.58 -19.38 15.94
N2 NAG F . -20.42 -19.22 17.01
O3 NAG F . -19.78 -21.79 18.16
O4 NAG F . -17.77 -21.68 20.21
O5 NAG F . -16.92 -18.82 18.09
O6 NAG F . -15.06 -19.22 20.78
O7 NAG F . -20.86 -21.02 15.74
C1 NAG F . -16.99 -22.90 20.11
C2 NAG F . -16.71 -23.36 21.54
C3 NAG F . -15.93 -24.66 21.53
C4 NAG F . -16.66 -25.71 20.71
C5 NAG F . -16.96 -25.16 19.32
C6 NAG F . -17.79 -26.11 18.47
C7 NAG F . -16.62 -21.53 23.18
C8 NAG F . -15.73 -20.53 23.86
N2 NAG F . -16.01 -22.34 22.30
O3 NAG F . -15.74 -25.11 22.87
O4 NAG F . -15.88 -26.90 20.60
O5 NAG F . -17.69 -23.93 19.41
O6 NAG F . -18.15 -25.52 17.23
O7 NAG F . -17.81 -21.60 23.40
C1 MAN F . -16.38 -27.87 21.55
C2 MAN F . -15.18 -28.32 22.42
C3 MAN F . -14.79 -29.76 22.10
C4 MAN F . -14.81 -30.06 20.57
C5 MAN F . -16.14 -29.63 19.92
C6 MAN F . -16.92 -30.82 19.37
O2 MAN F . -15.52 -28.31 23.80
O3 MAN F . -15.59 -30.70 22.80
O4 MAN F . -13.73 -29.40 19.92
O5 MAN F . -16.97 -28.98 20.89
O6 MAN F . -16.00 -31.84 19.02
C1 NAG G . 0.53 -1.20 -37.29
C2 NAG G . -0.01 0.23 -37.34
C3 NAG G . -1.50 0.24 -36.98
C4 NAG G . -2.26 -0.75 -37.84
C5 NAG G . -1.63 -2.14 -37.76
C6 NAG G . -2.27 -3.14 -38.67
C7 NAG G . 0.94 2.40 -36.73
C8 NAG G . 1.74 3.17 -35.71
N2 NAG G . 0.73 1.11 -36.46
O3 NAG G . -2.02 1.55 -37.15
O4 NAG G . -3.62 -0.83 -37.42
O5 NAG G . -0.24 -2.05 -38.14
O6 NAG G . -2.12 -4.47 -38.17
O7 NAG G . 0.51 2.93 -37.74
CA CA H . -12.56 10.41 -3.42
ZN ZN I . -8.34 -10.10 20.45
C1 BAT J . -4.59 -9.59 21.77
C2 BAT J . -5.93 -9.53 21.05
C3 BAT J . -4.79 -10.28 23.12
C4 BAT J . -6.83 -9.55 25.16
C5 BAT J . -8.16 -9.08 24.83
C6 BAT J . -9.21 -9.80 25.80
C7 BAT J . -8.47 -10.66 26.71
C8 BAT J . -3.61 -10.39 20.93
C9 BAT J . -3.60 -9.86 19.50
C10 BAT J . -2.89 -10.82 18.55
C11 BAT J . -3.15 -12.27 18.96
C12 BAT J . -3.42 -10.62 17.13
C13 BAT J . -2.19 -10.27 21.49
C14 BAT J . -0.28 -11.24 22.83
C15 BAT J . 0.71 -11.63 21.74
C16 BAT J . 2.62 -11.05 20.21
C17 BAT J . -0.14 -12.19 24.01
C18 BAT J . -1.37 -12.07 24.91
C19 BAT J . -2.37 -13.03 24.85
C20 BAT J . -3.48 -12.93 25.67
C21 BAT J . -3.59 -11.87 26.56
C22 BAT J . -2.59 -10.92 26.62
C23 BAT J . -1.48 -11.03 25.80
N1 BAT J . -6.52 -8.23 20.73
N2 BAT J . -1.64 -11.35 22.29
N3 BAT J . 1.67 -10.65 21.24
O1 BAT J . -6.49 -10.52 20.74
O2 BAT J . -7.75 -8.17 20.06
O3 BAT J . -1.55 -9.30 21.26
O4 BAT J . 0.72 -12.73 21.31
S1 BAT J . -5.29 -9.04 24.35
S2 BAT J . -6.96 -10.54 26.36
CAA Y01 K . 27.28 -26.03 12.48
CBA Y01 K . 25.90 -25.68 13.05
CAB Y01 K . 25.12 -24.83 12.05
CAN Y01 K . 25.98 -24.97 14.40
CAJ Y01 K . 26.94 -23.78 14.46
CAO Y01 K . 26.20 -22.47 14.72
CBB Y01 K . 27.09 -21.24 14.95
CAC Y01 K . 28.38 -21.36 14.14
CBE Y01 K . 26.29 -19.95 14.66
CAP Y01 K . 24.87 -20.04 15.28
CAQ Y01 K . 24.60 -18.71 15.98
CBG Y01 K . 25.54 -17.77 15.25
CBI Y01 K . 26.84 -18.58 15.14
CAE Y01 K . 27.54 -18.73 16.49
CAU Y01 K . 27.70 -17.80 14.14
CAS Y01 K . 27.94 -16.35 14.57
CBF Y01 K . 26.66 -15.57 14.88
CBD Y01 K . 25.71 -16.36 15.79
CAK Y01 K . 24.36 -15.66 15.86
CAI Y01 K . 24.53 -14.20 16.14
CAZ Y01 K . 25.69 -13.56 16.11
CAV Y01 K . 25.75 -12.12 16.50
CBH Y01 K . 26.92 -14.14 15.43
CAD Y01 K . 28.08 -14.13 16.44
CAT Y01 K . 27.26 -13.20 14.26
CAR Y01 K . 27.41 -11.73 14.65
CBC Y01 K . 26.14 -11.23 15.33
OAW Y01 K . 26.40 -9.89 15.77
CAY Y01 K . 25.38 -9.05 15.95
OAG Y01 K . 24.25 -9.30 15.63
CAM Y01 K . 25.84 -7.78 16.62
CAL Y01 K . 24.81 -6.66 16.60
CAX Y01 K . 23.56 -6.91 17.48
OAH Y01 K . 23.79 -7.06 18.69
OAF Y01 K . 22.46 -6.93 16.91
CAA Y01 L . 39.91 -27.81 18.59
CBA Y01 L . 40.28 -29.28 18.73
CAB Y01 L . 39.15 -30.18 18.23
CAN Y01 L . 40.67 -29.65 20.15
CAJ Y01 L . 41.98 -29.03 20.65
CAO Y01 L . 42.62 -29.85 21.78
CBB Y01 L . 43.82 -30.74 21.39
CAC Y01 L . 44.22 -30.51 19.93
CBE Y01 L . 45.00 -30.56 22.36
CAP Y01 L . 44.81 -29.36 23.34
CAQ Y01 L . 45.48 -29.73 24.67
CBG Y01 L . 46.26 -31.00 24.34
CBI Y01 L . 45.39 -31.72 23.30
CAE Y01 L . 44.14 -32.33 23.92
CAU Y01 L . 46.29 -32.81 22.70
CAS Y01 L . 46.78 -33.78 23.78
CBF Y01 L . 47.49 -33.11 24.96
CBD Y01 L . 46.73 -31.89 25.48
CAK Y01 L . 47.62 -31.11 26.44
CAI Y01 L . 48.37 -32.00 27.38
CAZ Y01 L . 48.46 -33.33 27.25
CAV Y01 L . 49.04 -34.17 28.36
CBH Y01 L . 47.81 -34.08 26.10
CAD Y01 L . 46.53 -34.76 26.63
CAT Y01 L . 48.81 -35.15 25.62
CAR Y01 L . 49.31 -36.06 26.73
CBC Y01 L . 49.98 -35.25 27.83
OAW Y01 L . 50.31 -36.18 28.88
CAY Y01 L . 51.45 -36.86 28.83
OAG Y01 L . 52.29 -36.68 27.97
CAM Y01 L . 51.55 -37.85 29.96
CAL Y01 L . 50.27 -38.61 30.24
CAX Y01 L . 49.94 -39.73 29.24
OAH Y01 L . 49.17 -39.41 28.31
OAF Y01 L . 50.44 -40.85 29.43
#